data_1Z1X
# 
_entry.id   1Z1X 
# 
_audit_conform.dict_name       mmcif_pdbx.dic 
_audit_conform.dict_version    5.397 
_audit_conform.dict_location   http://mmcif.pdb.org/dictionaries/ascii/mmcif_pdbx.dic 
# 
loop_
_database_2.database_id 
_database_2.database_code 
_database_2.pdbx_database_accession 
_database_2.pdbx_DOI 
PDB   1Z1X         pdb_00001z1x 10.2210/pdb1z1x/pdb 
RCSB  RCSB032194   ?            ?                   
WWPDB D_1000032194 ?            ?                   
# 
loop_
_pdbx_audit_revision_history.ordinal 
_pdbx_audit_revision_history.data_content_type 
_pdbx_audit_revision_history.major_revision 
_pdbx_audit_revision_history.minor_revision 
_pdbx_audit_revision_history.revision_date 
1 'Structure model' 1 0 2005-04-19 
2 'Structure model' 1 1 2008-04-30 
3 'Structure model' 1 2 2011-07-13 
4 'Structure model' 1 3 2023-10-25 
5 'Structure model' 1 4 2024-10-16 
# 
_pdbx_audit_revision_details.ordinal             1 
_pdbx_audit_revision_details.revision_ordinal    1 
_pdbx_audit_revision_details.data_content_type   'Structure model' 
_pdbx_audit_revision_details.provider            repository 
_pdbx_audit_revision_details.type                'Initial release' 
_pdbx_audit_revision_details.description         ? 
_pdbx_audit_revision_details.details             ? 
# 
loop_
_pdbx_audit_revision_group.ordinal 
_pdbx_audit_revision_group.revision_ordinal 
_pdbx_audit_revision_group.data_content_type 
_pdbx_audit_revision_group.group 
1 2 'Structure model' 'Version format compliance' 
2 3 'Structure model' 'Version format compliance' 
3 4 'Structure model' 'Data collection'           
4 4 'Structure model' 'Database references'       
5 4 'Structure model' 'Refinement description'    
6 5 'Structure model' 'Structure summary'         
# 
loop_
_pdbx_audit_revision_category.ordinal 
_pdbx_audit_revision_category.revision_ordinal 
_pdbx_audit_revision_category.data_content_type 
_pdbx_audit_revision_category.category 
1 4 'Structure model' chem_comp_atom                
2 4 'Structure model' chem_comp_bond                
3 4 'Structure model' database_2                    
4 4 'Structure model' pdbx_initial_refinement_model 
5 5 'Structure model' pdbx_entry_details            
6 5 'Structure model' pdbx_modification_feature     
# 
loop_
_pdbx_audit_revision_item.ordinal 
_pdbx_audit_revision_item.revision_ordinal 
_pdbx_audit_revision_item.data_content_type 
_pdbx_audit_revision_item.item 
1 4 'Structure model' '_database_2.pdbx_DOI'                
2 4 'Structure model' '_database_2.pdbx_database_accession' 
# 
_pdbx_database_status.status_code                     REL 
_pdbx_database_status.entry_id                        1Z1X 
_pdbx_database_status.recvd_initial_deposition_date   2005-03-07 
_pdbx_database_status.deposit_site                    RCSB 
_pdbx_database_status.process_site                    PDBJ 
_pdbx_database_status.status_code_sf                  ? 
_pdbx_database_status.status_code_mr                  ? 
_pdbx_database_status.SG_entry                        ? 
_pdbx_database_status.pdb_format_compatible           Y 
_pdbx_database_status.status_code_cs                  ? 
_pdbx_database_status.status_code_nmr_data            ? 
_pdbx_database_status.methods_development_category    ? 
# 
loop_
_pdbx_database_related.db_name 
_pdbx_database_related.db_id 
_pdbx_database_related.details 
_pdbx_database_related.content_type 
PDB 1rmr 'Crystal Structure Of Schistatin, A Disintegrin Homodimer From Saw-Scaled Viper (Echis Carinatus) At 2.5 A Resolution' 
unspecified 
PDB 1tej 'Crystal Structure Of A Disintegrin Heterodimer At 1.9 A Resolution'                                                   
unspecified 
# 
loop_
_audit_author.name 
_audit_author.pdbx_ordinal 
'Hassan, M.I.'       1 
'Ethayathulla, A.S.' 2 
'Bilgrami, S.'       3 
'Singh, B.'          4 
'Yadav, S.'          5 
'Singh, T.P.'        6 
# 
_citation.id                        primary 
_citation.title                     'Crystal Structure of a novel disintegrin from Saw-scaled viper at 3.2A resolution' 
_citation.journal_abbrev            'To be published' 
_citation.journal_volume            ? 
_citation.page_first                ? 
_citation.page_last                 ? 
_citation.year                      ? 
_citation.journal_id_ASTM           ? 
_citation.country                   ? 
_citation.journal_id_ISSN           ? 
_citation.journal_id_CSD            0353 
_citation.book_publisher            ? 
_citation.pdbx_database_id_PubMed   ? 
_citation.pdbx_database_id_DOI      ? 
# 
loop_
_citation_author.citation_id 
_citation_author.name 
_citation_author.ordinal 
_citation_author.identifier_ORCID 
primary 'Hassan, M.I.'       1 ? 
primary 'Ethayathulla, A.S.' 2 ? 
primary 'Bilgrami, S.'       3 ? 
primary 'Singh, B.'          4 ? 
primary 'Yadav, S.'          5 ? 
primary 'Singh, T.P.'        6 ? 
# 
loop_
_entity.id 
_entity.type 
_entity.src_method 
_entity.pdbx_description 
_entity.formula_weight 
_entity.pdbx_number_of_molecules 
_entity.pdbx_ec 
_entity.pdbx_mutation 
_entity.pdbx_fragment 
_entity.details 
1 polymer nat disintegrin 7139.176 1 ? ? ? ? 
2 water   nat water       18.015   8 ? ? ? ? 
# 
_entity_poly.entity_id                      1 
_entity_poly.type                           'polypeptide(L)' 
_entity_poly.nstd_linkage                   no 
_entity_poly.nstd_monomer                   no 
_entity_poly.pdbx_seq_one_letter_code       NSVHPCCDPVKCEPREGEHCISGPCCRNCKFLNAGTICKRAMLDGLHDYCTGVTSDCPRNRYNH 
_entity_poly.pdbx_seq_one_letter_code_can   NSVHPCCDPVKCEPREGEHCISGPCCRNCKFLNAGTICKRAMLDGLHDYCTGVTSDCPRNRYNH 
_entity_poly.pdbx_strand_id                 A 
_entity_poly.pdbx_target_identifier         ? 
# 
_pdbx_entity_nonpoly.entity_id   2 
_pdbx_entity_nonpoly.name        water 
_pdbx_entity_nonpoly.comp_id     HOH 
# 
loop_
_entity_poly_seq.entity_id 
_entity_poly_seq.num 
_entity_poly_seq.mon_id 
_entity_poly_seq.hetero 
1 1  ASN n 
1 2  SER n 
1 3  VAL n 
1 4  HIS n 
1 5  PRO n 
1 6  CYS n 
1 7  CYS n 
1 8  ASP n 
1 9  PRO n 
1 10 VAL n 
1 11 LYS n 
1 12 CYS n 
1 13 GLU n 
1 14 PRO n 
1 15 ARG n 
1 16 GLU n 
1 17 GLY n 
1 18 GLU n 
1 19 HIS n 
1 20 CYS n 
1 21 ILE n 
1 22 SER n 
1 23 GLY n 
1 24 PRO n 
1 25 CYS n 
1 26 CYS n 
1 27 ARG n 
1 28 ASN n 
1 29 CYS n 
1 30 LYS n 
1 31 PHE n 
1 32 LEU n 
1 33 ASN n 
1 34 ALA n 
1 35 GLY n 
1 36 THR n 
1 37 ILE n 
1 38 CYS n 
1 39 LYS n 
1 40 ARG n 
1 41 ALA n 
1 42 MET n 
1 43 LEU n 
1 44 ASP n 
1 45 GLY n 
1 46 LEU n 
1 47 HIS n 
1 48 ASP n 
1 49 TYR n 
1 50 CYS n 
1 51 THR n 
1 52 GLY n 
1 53 VAL n 
1 54 THR n 
1 55 SER n 
1 56 ASP n 
1 57 CYS n 
1 58 PRO n 
1 59 ARG n 
1 60 ASN n 
1 61 ARG n 
1 62 TYR n 
1 63 ASN n 
1 64 HIS n 
# 
_entity_src_nat.entity_id                  1 
_entity_src_nat.pdbx_src_id                1 
_entity_src_nat.pdbx_alt_source_flag       sample 
_entity_src_nat.pdbx_beg_seq_num           ? 
_entity_src_nat.pdbx_end_seq_num           ? 
_entity_src_nat.common_name                'saw-scaled viper' 
_entity_src_nat.pdbx_organism_scientific   'Echis carinatus' 
_entity_src_nat.pdbx_ncbi_taxonomy_id      40353 
_entity_src_nat.genus                      Echis 
_entity_src_nat.species                    ? 
_entity_src_nat.strain                     'Saw-scaled Viper' 
_entity_src_nat.tissue                     ? 
_entity_src_nat.tissue_fraction            ? 
_entity_src_nat.pdbx_secretion             Venom 
_entity_src_nat.pdbx_fragment              ? 
_entity_src_nat.pdbx_variant               ? 
_entity_src_nat.pdbx_cell_line             ? 
_entity_src_nat.pdbx_atcc                  ? 
_entity_src_nat.pdbx_cellular_location     ? 
_entity_src_nat.pdbx_organ                 ? 
_entity_src_nat.pdbx_organelle             ? 
_entity_src_nat.pdbx_cell                  ? 
_entity_src_nat.pdbx_plasmid_name          ? 
_entity_src_nat.pdbx_plasmid_details       ? 
_entity_src_nat.details                    ? 
# 
loop_
_chem_comp.id 
_chem_comp.type 
_chem_comp.mon_nstd_flag 
_chem_comp.name 
_chem_comp.pdbx_synonyms 
_chem_comp.formula 
_chem_comp.formula_weight 
ALA 'L-peptide linking' y ALANINE         ? 'C3 H7 N O2'     89.093  
ARG 'L-peptide linking' y ARGININE        ? 'C6 H15 N4 O2 1' 175.209 
ASN 'L-peptide linking' y ASPARAGINE      ? 'C4 H8 N2 O3'    132.118 
ASP 'L-peptide linking' y 'ASPARTIC ACID' ? 'C4 H7 N O4'     133.103 
CYS 'L-peptide linking' y CYSTEINE        ? 'C3 H7 N O2 S'   121.158 
GLU 'L-peptide linking' y 'GLUTAMIC ACID' ? 'C5 H9 N O4'     147.129 
GLY 'peptide linking'   y GLYCINE         ? 'C2 H5 N O2'     75.067  
HIS 'L-peptide linking' y HISTIDINE       ? 'C6 H10 N3 O2 1' 156.162 
HOH non-polymer         . WATER           ? 'H2 O'           18.015  
ILE 'L-peptide linking' y ISOLEUCINE      ? 'C6 H13 N O2'    131.173 
LEU 'L-peptide linking' y LEUCINE         ? 'C6 H13 N O2'    131.173 
LYS 'L-peptide linking' y LYSINE          ? 'C6 H15 N2 O2 1' 147.195 
MET 'L-peptide linking' y METHIONINE      ? 'C5 H11 N O2 S'  149.211 
PHE 'L-peptide linking' y PHENYLALANINE   ? 'C9 H11 N O2'    165.189 
PRO 'L-peptide linking' y PROLINE         ? 'C5 H9 N O2'     115.130 
SER 'L-peptide linking' y SERINE          ? 'C3 H7 N O3'     105.093 
THR 'L-peptide linking' y THREONINE       ? 'C4 H9 N O3'     119.119 
TYR 'L-peptide linking' y TYROSINE        ? 'C9 H11 N O3'    181.189 
VAL 'L-peptide linking' y VALINE          ? 'C5 H11 N O2'    117.146 
# 
loop_
_pdbx_poly_seq_scheme.asym_id 
_pdbx_poly_seq_scheme.entity_id 
_pdbx_poly_seq_scheme.seq_id 
_pdbx_poly_seq_scheme.mon_id 
_pdbx_poly_seq_scheme.ndb_seq_num 
_pdbx_poly_seq_scheme.pdb_seq_num 
_pdbx_poly_seq_scheme.auth_seq_num 
_pdbx_poly_seq_scheme.pdb_mon_id 
_pdbx_poly_seq_scheme.auth_mon_id 
_pdbx_poly_seq_scheme.pdb_strand_id 
_pdbx_poly_seq_scheme.pdb_ins_code 
_pdbx_poly_seq_scheme.hetero 
A 1 1  ASN 1  1  1  ASN ASN A . n 
A 1 2  SER 2  2  2  SER SER A . n 
A 1 3  VAL 3  3  3  VAL VAL A . n 
A 1 4  HIS 4  4  4  HIS HIS A . n 
A 1 5  PRO 5  5  5  PRO PRO A . n 
A 1 6  CYS 6  6  6  CYS CYS A . n 
A 1 7  CYS 7  7  7  CYS CYS A . n 
A 1 8  ASP 8  8  8  ASP ASP A . n 
A 1 9  PRO 9  9  9  PRO PRO A . n 
A 1 10 VAL 10 10 10 VAL VAL A . n 
A 1 11 LYS 11 11 11 LYS LYS A . n 
A 1 12 CYS 12 12 12 CYS CYS A . n 
A 1 13 GLU 13 13 13 GLU GLU A . n 
A 1 14 PRO 14 14 14 PRO PRO A . n 
A 1 15 ARG 15 15 15 ARG ARG A . n 
A 1 16 GLU 16 16 16 GLU GLU A . n 
A 1 17 GLY 17 17 17 GLY GLY A . n 
A 1 18 GLU 18 18 18 GLU GLU A . n 
A 1 19 HIS 19 19 19 HIS HIS A . n 
A 1 20 CYS 20 20 20 CYS CYS A . n 
A 1 21 ILE 21 21 21 ILE ILE A . n 
A 1 22 SER 22 22 22 SER SER A . n 
A 1 23 GLY 23 23 23 GLY GLY A . n 
A 1 24 PRO 24 24 24 PRO PRO A . n 
A 1 25 CYS 25 25 25 CYS CYS A . n 
A 1 26 CYS 26 26 26 CYS CYS A . n 
A 1 27 ARG 27 27 27 ARG ARG A . n 
A 1 28 ASN 28 28 28 ASN ASN A . n 
A 1 29 CYS 29 29 29 CYS CYS A . n 
A 1 30 LYS 30 30 30 LYS LYS A . n 
A 1 31 PHE 31 31 31 PHE PHE A . n 
A 1 32 LEU 32 32 32 LEU LEU A . n 
A 1 33 ASN 33 33 33 ASN ASN A . n 
A 1 34 ALA 34 34 34 ALA ALA A . n 
A 1 35 GLY 35 35 35 GLY GLY A . n 
A 1 36 THR 36 36 36 THR THR A . n 
A 1 37 ILE 37 37 37 ILE ILE A . n 
A 1 38 CYS 38 38 38 CYS CYS A . n 
A 1 39 LYS 39 39 39 LYS LYS A . n 
A 1 40 ARG 40 40 40 ARG ARG A . n 
A 1 41 ALA 41 41 41 ALA ALA A . n 
A 1 42 MET 42 42 42 MET MET A . n 
A 1 43 LEU 43 43 43 LEU LEU A . n 
A 1 44 ASP 44 44 44 ASP ASP A . n 
A 1 45 GLY 45 45 45 GLY GLY A . n 
A 1 46 LEU 46 46 46 LEU LEU A . n 
A 1 47 HIS 47 47 47 HIS HIS A . n 
A 1 48 ASP 48 48 48 ASP ASP A . n 
A 1 49 TYR 49 49 49 TYR TYR A . n 
A 1 50 CYS 50 50 50 CYS CYS A . n 
A 1 51 THR 51 51 51 THR THR A . n 
A 1 52 GLY 52 52 52 GLY GLY A . n 
A 1 53 VAL 53 53 53 VAL VAL A . n 
A 1 54 THR 54 54 54 THR THR A . n 
A 1 55 SER 55 55 55 SER SER A . n 
A 1 56 ASP 56 56 56 ASP ASP A . n 
A 1 57 CYS 57 57 57 CYS CYS A . n 
A 1 58 PRO 58 58 58 PRO PRO A . n 
A 1 59 ARG 59 59 59 ARG ARG A . n 
A 1 60 ASN 60 60 60 ASN ASN A . n 
A 1 61 ARG 61 61 61 ARG ARG A . n 
A 1 62 TYR 62 62 62 TYR TYR A . n 
A 1 63 ASN 63 63 63 ASN ASN A . n 
A 1 64 HIS 64 64 64 HIS HIS A . n 
# 
loop_
_pdbx_nonpoly_scheme.asym_id 
_pdbx_nonpoly_scheme.entity_id 
_pdbx_nonpoly_scheme.mon_id 
_pdbx_nonpoly_scheme.ndb_seq_num 
_pdbx_nonpoly_scheme.pdb_seq_num 
_pdbx_nonpoly_scheme.auth_seq_num 
_pdbx_nonpoly_scheme.pdb_mon_id 
_pdbx_nonpoly_scheme.auth_mon_id 
_pdbx_nonpoly_scheme.pdb_strand_id 
_pdbx_nonpoly_scheme.pdb_ins_code 
B 2 HOH 1 65 1 HOH HOH A . 
B 2 HOH 2 66 2 HOH HOH A . 
B 2 HOH 3 67 3 HOH HOH A . 
B 2 HOH 4 68 4 HOH HOH A . 
B 2 HOH 5 69 5 HOH HOH A . 
B 2 HOH 6 70 6 HOH HOH A . 
B 2 HOH 7 71 7 HOH HOH A . 
B 2 HOH 8 72 8 HOH HOH A . 
# 
loop_
_software.name 
_software.classification 
_software.version 
_software.citation_id 
_software.pdbx_ordinal 
REFMAC    refinement       5.0 ? 1 
HKL-2000  'data reduction' .   ? 2 
SCALEPACK 'data scaling'   .   ? 3 
AMoRE     phasing          .   ? 4 
# 
_cell.entry_id           1Z1X 
_cell.length_a           91.368 
_cell.length_b           91.368 
_cell.length_c           54.941 
_cell.angle_alpha        90.00 
_cell.angle_beta         90.00 
_cell.angle_gamma        90.00 
_cell.Z_PDB              16 
_cell.pdbx_unique_axis   ? 
# 
_symmetry.entry_id                         1Z1X 
_symmetry.space_group_name_H-M             'I 41 2 2' 
_symmetry.pdbx_full_space_group_name_H-M   ? 
_symmetry.cell_setting                     ? 
_symmetry.Int_Tables_number                98 
_symmetry.space_group_name_Hall            ? 
# 
_exptl.entry_id          1Z1X 
_exptl.method            'X-RAY DIFFRACTION' 
_exptl.crystals_number   1 
# 
_exptl_crystal.id                    1 
_exptl_crystal.density_meas          ? 
_exptl_crystal.density_Matthews      4.0 
_exptl_crystal.density_percent_sol   70.0 
_exptl_crystal.description           ? 
_exptl_crystal.F_000                 ? 
_exptl_crystal.preparation           ? 
# 
_exptl_crystal_grow.crystal_id      1 
_exptl_crystal_grow.method          'VAPOR DIFFUSION, SITTING DROP' 
_exptl_crystal_grow.temp            298 
_exptl_crystal_grow.temp_details    ? 
_exptl_crystal_grow.pH              6.0 
_exptl_crystal_grow.pdbx_details    '1.2M AMMONIUM SULFATE, pH 6.0, VAPOR DIFFUSION, SITTING DROP, temperature 298K' 
_exptl_crystal_grow.pdbx_pH_range   . 
# 
_diffrn.id                     1 
_diffrn.ambient_temp           298 
_diffrn.ambient_temp_details   ? 
_diffrn.crystal_id             1 
# 
_diffrn_detector.diffrn_id              1 
_diffrn_detector.detector               'IMAGE PLATE' 
_diffrn_detector.type                   MARRESEARCH 
_diffrn_detector.pdbx_collection_date   2005-02-10 
_diffrn_detector.details                MIRROR 
# 
_diffrn_radiation.diffrn_id                        1 
_diffrn_radiation.wavelength_id                    1 
_diffrn_radiation.pdbx_monochromatic_or_laue_m_l   M 
_diffrn_radiation.monochromator                    GRAPHITE 
_diffrn_radiation.pdbx_diffrn_protocol             'SINGLE WAVELENGTH' 
_diffrn_radiation.pdbx_scattering_type             x-ray 
# 
_diffrn_radiation_wavelength.id           1 
_diffrn_radiation_wavelength.wavelength   1.5418 
_diffrn_radiation_wavelength.wt           1.0 
# 
_diffrn_source.diffrn_id                   1 
_diffrn_source.source                      'ROTATING ANODE' 
_diffrn_source.type                        'RIGAKU RU300' 
_diffrn_source.pdbx_synchrotron_site       ? 
_diffrn_source.pdbx_synchrotron_beamline   ? 
_diffrn_source.pdbx_wavelength             ? 
_diffrn_source.pdbx_wavelength_list        1.5418 
# 
_reflns.entry_id                     1Z1X 
_reflns.observed_criterion_sigma_F   0.0 
_reflns.observed_criterion_sigma_I   0.0 
_reflns.d_resolution_high            3.2 
_reflns.d_resolution_low             64.55 
_reflns.number_all                   2062 
_reflns.number_obs                   2058 
_reflns.percent_possible_obs         99.6 
_reflns.pdbx_Rmerge_I_obs            ? 
_reflns.pdbx_Rsym_value              0.2 
_reflns.pdbx_netI_over_sigmaI        8.3 
_reflns.B_iso_Wilson_estimate        55.2 
_reflns.pdbx_redundancy              10.0 
_reflns.R_free_details               ? 
_reflns.limit_h_max                  ? 
_reflns.limit_h_min                  ? 
_reflns.limit_k_max                  ? 
_reflns.limit_k_min                  ? 
_reflns.limit_l_max                  ? 
_reflns.limit_l_min                  ? 
_reflns.observed_criterion_F_max     ? 
_reflns.observed_criterion_F_min     ? 
_reflns.pdbx_chi_squared             ? 
_reflns.pdbx_scaling_rejects         ? 
_reflns.pdbx_diffrn_id               1 
_reflns.pdbx_ordinal                 1 
# 
_reflns_shell.d_res_high             3.2 
_reflns_shell.d_res_low              3.32 
_reflns_shell.percent_possible_all   97.6 
_reflns_shell.Rmerge_I_obs           ? 
_reflns_shell.pdbx_Rsym_value        0.544 
_reflns_shell.meanI_over_sigI_obs    3.9 
_reflns_shell.pdbx_redundancy        ? 
_reflns_shell.percent_possible_obs   ? 
_reflns_shell.number_unique_all      191 
_reflns_shell.number_measured_all    ? 
_reflns_shell.number_measured_obs    ? 
_reflns_shell.number_unique_obs      ? 
_reflns_shell.pdbx_chi_squared       ? 
_reflns_shell.pdbx_diffrn_id         ? 
_reflns_shell.pdbx_ordinal           1 
# 
_refine.entry_id                                 1Z1X 
_refine.ls_number_reflns_obs                     1967 
_refine.ls_number_reflns_all                     2058 
_refine.pdbx_ls_sigma_I                          ? 
_refine.pdbx_ls_sigma_F                          ? 
_refine.pdbx_data_cutoff_high_absF               ? 
_refine.pdbx_data_cutoff_low_absF                ? 
_refine.pdbx_data_cutoff_high_rms_absF           ? 
_refine.ls_d_res_low                             64.0 
_refine.ls_d_res_high                            3.20 
_refine.ls_percent_reflns_obs                    99.13 
_refine.ls_R_factor_obs                          0.23594 
_refine.ls_R_factor_all                          0.236 
_refine.ls_R_factor_R_work                       0.23432 
_refine.ls_R_factor_R_free                       0.2648 
_refine.ls_R_factor_R_free_error                 ? 
_refine.ls_R_factor_R_free_error_details         ? 
_refine.ls_percent_reflns_R_free                 4.4 
_refine.ls_number_reflns_R_free                  91 
_refine.ls_number_parameters                     ? 
_refine.ls_number_restraints                     ? 
_refine.occupancy_min                            ? 
_refine.occupancy_max                            ? 
_refine.correlation_coeff_Fo_to_Fc               0.873 
_refine.correlation_coeff_Fo_to_Fc_free          0.821 
_refine.B_iso_mean                               50.852 
_refine.aniso_B[1][1]                            0.79 
_refine.aniso_B[2][2]                            0.79 
_refine.aniso_B[3][3]                            -1.58 
_refine.aniso_B[1][2]                            0.00 
_refine.aniso_B[1][3]                            0.00 
_refine.aniso_B[2][3]                            0.00 
_refine.solvent_model_details                    'BABINET MODEL WITH MASK' 
_refine.solvent_model_param_ksol                 ? 
_refine.solvent_model_param_bsol                 ? 
_refine.pdbx_solvent_vdw_probe_radii             1.40 
_refine.pdbx_solvent_ion_probe_radii             0.80 
_refine.pdbx_solvent_shrinkage_radii             0.80 
_refine.pdbx_ls_cross_valid_method               THROUGHOUT 
_refine.details                                  'HYDROGENS HAVE BEEN ADDED IN THE RIDING POSITIONS' 
_refine.pdbx_starting_model                      1rmr 
_refine.pdbx_method_to_determine_struct          'MOLECULAR REPLACEMENT' 
_refine.pdbx_isotropic_thermal_model             ? 
_refine.pdbx_stereochemistry_target_values       'MAXIMUM LIKELIHOOD' 
_refine.pdbx_stereochem_target_val_spec_case     ? 
_refine.pdbx_R_Free_selection_details            RANDOM 
_refine.pdbx_overall_ESU_R                       ? 
_refine.pdbx_overall_ESU_R_Free                  0.442 
_refine.overall_SU_ML                            0.486 
_refine.overall_SU_B                             27.591 
_refine.ls_redundancy_reflns_obs                 ? 
_refine.B_iso_min                                ? 
_refine.B_iso_max                                ? 
_refine.overall_SU_R_Cruickshank_DPI             ? 
_refine.overall_SU_R_free                        ? 
_refine.ls_wR_factor_R_free                      ? 
_refine.ls_wR_factor_R_work                      ? 
_refine.overall_FOM_free_R_set                   ? 
_refine.overall_FOM_work_R_set                   ? 
_refine.pdbx_refine_id                           'X-RAY DIFFRACTION' 
_refine.pdbx_diffrn_id                           1 
_refine.pdbx_TLS_residual_ADP_flag               ? 
_refine.pdbx_overall_phase_error                 ? 
_refine.pdbx_overall_SU_R_free_Cruickshank_DPI   ? 
_refine.pdbx_overall_SU_R_Blow_DPI               ? 
_refine.pdbx_overall_SU_R_free_Blow_DPI          ? 
# 
_refine_hist.pdbx_refine_id                   'X-RAY DIFFRACTION' 
_refine_hist.cycle_id                         LAST 
_refine_hist.pdbx_number_atoms_protein        490 
_refine_hist.pdbx_number_atoms_nucleic_acid   0 
_refine_hist.pdbx_number_atoms_ligand         0 
_refine_hist.number_atoms_solvent             8 
_refine_hist.number_atoms_total               498 
_refine_hist.d_res_high                       3.20 
_refine_hist.d_res_low                        64.0 
# 
loop_
_refine_ls_restr.type 
_refine_ls_restr.dev_ideal 
_refine_ls_restr.dev_ideal_target 
_refine_ls_restr.weight 
_refine_ls_restr.number 
_refine_ls_restr.pdbx_refine_id 
_refine_ls_restr.pdbx_restraint_function 
r_bond_refined_d       0.024  0.021  ? 505 'X-RAY DIFFRACTION' ? 
r_bond_other_d         0.002  0.020  ? 418 'X-RAY DIFFRACTION' ? 
r_angle_refined_deg    2.350  1.957  ? 684 'X-RAY DIFFRACTION' ? 
r_angle_other_deg      1.414  3.000  ? 985 'X-RAY DIFFRACTION' ? 
r_dihedral_angle_1_deg 3.343  3.000  ? 63  'X-RAY DIFFRACTION' ? 
r_dihedral_angle_3_deg 23.149 15.000 ? 80  'X-RAY DIFFRACTION' ? 
r_chiral_restr         0.137  0.200  ? 70  'X-RAY DIFFRACTION' ? 
r_gen_planes_refined   0.016  0.020  ? 570 'X-RAY DIFFRACTION' ? 
r_gen_planes_other     0.006  0.020  ? 99  'X-RAY DIFFRACTION' ? 
r_nbd_refined          0.276  0.300  ? 114 'X-RAY DIFFRACTION' ? 
r_nbd_other            0.284  0.300  ? 434 'X-RAY DIFFRACTION' ? 
r_xyhbond_nbd_refined  0.132  0.500  ? 30  'X-RAY DIFFRACTION' ? 
r_xyhbond_nbd_other    0.038  0.500  ? 2   'X-RAY DIFFRACTION' ? 
r_symmetry_vdw_refined 0.538  0.300  ? 17  'X-RAY DIFFRACTION' ? 
r_symmetry_vdw_other   0.419  0.300  ? 48  'X-RAY DIFFRACTION' ? 
r_mcbond_it            1.652  1.500  ? 320 'X-RAY DIFFRACTION' ? 
r_mcangle_it           3.116  2.000  ? 516 'X-RAY DIFFRACTION' ? 
r_scbond_it            4.070  3.000  ? 185 'X-RAY DIFFRACTION' ? 
r_scangle_it           7.273  4.500  ? 168 'X-RAY DIFFRACTION' ? 
# 
_refine_ls_shell.pdbx_total_number_of_bins_used   20 
_refine_ls_shell.d_res_high                       3.202 
_refine_ls_shell.d_res_low                        3.285 
_refine_ls_shell.number_reflns_R_work             131 
_refine_ls_shell.R_factor_R_work                  0.328 
_refine_ls_shell.percent_reflns_obs               ? 
_refine_ls_shell.R_factor_R_free                  0.176 
_refine_ls_shell.R_factor_R_free_error            ? 
_refine_ls_shell.percent_reflns_R_free            ? 
_refine_ls_shell.number_reflns_R_free             7 
_refine_ls_shell.number_reflns_obs                131 
_refine_ls_shell.redundancy_reflns_obs            ? 
_refine_ls_shell.number_reflns_all                ? 
_refine_ls_shell.pdbx_refine_id                   'X-RAY DIFFRACTION' 
_refine_ls_shell.R_factor_all                     ? 
# 
_struct.entry_id                  1Z1X 
_struct.title                     'Crystal Structure of a novel disintegrin from Saw-scaled viper at 3.2 A resolution' 
_struct.pdbx_model_details        ? 
_struct.pdbx_CASP_flag            ? 
_struct.pdbx_model_type_details   ? 
# 
_struct_keywords.entry_id        1Z1X 
_struct_keywords.pdbx_keywords   'PROTEIN BINDING' 
_struct_keywords.text            'DISINTEGRIN, SAW-SCALED VIPER, PROTEIN BINDING' 
# 
loop_
_struct_asym.id 
_struct_asym.pdbx_blank_PDB_chainid_flag 
_struct_asym.pdbx_modified 
_struct_asym.entity_id 
_struct_asym.details 
A N N 1 ? 
B N N 2 ? 
# 
_struct_ref.id                         1 
_struct_ref.db_name                    UNP 
_struct_ref.db_code                    Q5EE07_ECHCA 
_struct_ref.pdbx_db_accession          Q5EE07 
_struct_ref.entity_id                  1 
_struct_ref.pdbx_seq_one_letter_code   NSVHPCCDPVKCEPREGEHCISGPCCRNCKFLNAGTICKRAMLDGLHDYCTGVTSDCPRNRYNH 
_struct_ref.pdbx_align_begin           1 
_struct_ref.pdbx_db_isoform            ? 
# 
_struct_ref_seq.align_id                      1 
_struct_ref_seq.ref_id                        1 
_struct_ref_seq.pdbx_PDB_id_code              1Z1X 
_struct_ref_seq.pdbx_strand_id                A 
_struct_ref_seq.seq_align_beg                 1 
_struct_ref_seq.pdbx_seq_align_beg_ins_code   ? 
_struct_ref_seq.seq_align_end                 64 
_struct_ref_seq.pdbx_seq_align_end_ins_code   ? 
_struct_ref_seq.pdbx_db_accession             Q5EE07 
_struct_ref_seq.db_align_beg                  1 
_struct_ref_seq.pdbx_db_align_beg_ins_code    ? 
_struct_ref_seq.db_align_end                  64 
_struct_ref_seq.pdbx_db_align_end_ins_code    ? 
_struct_ref_seq.pdbx_auth_seq_align_beg       1 
_struct_ref_seq.pdbx_auth_seq_align_end       64 
# 
_pdbx_struct_assembly.id                   1 
_pdbx_struct_assembly.details              author_defined_assembly 
_pdbx_struct_assembly.method_details       ? 
_pdbx_struct_assembly.oligomeric_details   dimeric 
_pdbx_struct_assembly.oligomeric_count     2 
# 
_pdbx_struct_assembly_gen.assembly_id       1 
_pdbx_struct_assembly_gen.oper_expression   1,2 
_pdbx_struct_assembly_gen.asym_id_list      A,B 
# 
loop_
_pdbx_struct_oper_list.id 
_pdbx_struct_oper_list.type 
_pdbx_struct_oper_list.name 
_pdbx_struct_oper_list.symmetry_operation 
_pdbx_struct_oper_list.matrix[1][1] 
_pdbx_struct_oper_list.matrix[1][2] 
_pdbx_struct_oper_list.matrix[1][3] 
_pdbx_struct_oper_list.vector[1] 
_pdbx_struct_oper_list.matrix[2][1] 
_pdbx_struct_oper_list.matrix[2][2] 
_pdbx_struct_oper_list.matrix[2][3] 
_pdbx_struct_oper_list.vector[2] 
_pdbx_struct_oper_list.matrix[3][1] 
_pdbx_struct_oper_list.matrix[3][2] 
_pdbx_struct_oper_list.matrix[3][3] 
_pdbx_struct_oper_list.vector[3] 
1 'identity operation'         1_555 x,y,z           1.0000000000  0.0000000000  0.0000000000  0.0000000000  0.0000000000  1.0000000000  0.0000000000 0.0000000000  0.0000000000  0.0000000000 1.0000000000 0.0000000000 
2 'crystal symmetry operation' 5_555 -x+1/2,y,-z+3/4 -0.5611347755 -0.2044818122 -0.8020691692 13.7784558828 -0.2044818122 -0.9047251657 0.3737105337 18.5818492431 -0.8020691692 0.3737105337 0.4658599412 2.8017969182 
# 
loop_
_struct_conn.id 
_struct_conn.conn_type_id 
_struct_conn.pdbx_leaving_atom_flag 
_struct_conn.pdbx_PDB_id 
_struct_conn.ptnr1_label_asym_id 
_struct_conn.ptnr1_label_comp_id 
_struct_conn.ptnr1_label_seq_id 
_struct_conn.ptnr1_label_atom_id 
_struct_conn.pdbx_ptnr1_label_alt_id 
_struct_conn.pdbx_ptnr1_PDB_ins_code 
_struct_conn.pdbx_ptnr1_standard_comp_id 
_struct_conn.ptnr1_symmetry 
_struct_conn.ptnr2_label_asym_id 
_struct_conn.ptnr2_label_comp_id 
_struct_conn.ptnr2_label_seq_id 
_struct_conn.ptnr2_label_atom_id 
_struct_conn.pdbx_ptnr2_label_alt_id 
_struct_conn.pdbx_ptnr2_PDB_ins_code 
_struct_conn.ptnr1_auth_asym_id 
_struct_conn.ptnr1_auth_comp_id 
_struct_conn.ptnr1_auth_seq_id 
_struct_conn.ptnr2_auth_asym_id 
_struct_conn.ptnr2_auth_comp_id 
_struct_conn.ptnr2_auth_seq_id 
_struct_conn.ptnr2_symmetry 
_struct_conn.pdbx_ptnr3_label_atom_id 
_struct_conn.pdbx_ptnr3_label_seq_id 
_struct_conn.pdbx_ptnr3_label_comp_id 
_struct_conn.pdbx_ptnr3_label_asym_id 
_struct_conn.pdbx_ptnr3_label_alt_id 
_struct_conn.pdbx_ptnr3_PDB_ins_code 
_struct_conn.details 
_struct_conn.pdbx_dist_value 
_struct_conn.pdbx_value_order 
_struct_conn.pdbx_role 
disulf1 disulf ? ? A CYS 6  SG ? ? ? 1_555 A CYS 29 SG ? ? A CYS 6  A CYS 29 1_555 ? ? ? ? ? ? ? 2.011 ? ? 
disulf2 disulf ? ? A CYS 20 SG ? ? ? 1_555 A CYS 26 SG ? ? A CYS 20 A CYS 26 1_555 ? ? ? ? ? ? ? 1.970 ? ? 
disulf3 disulf ? ? A CYS 25 SG ? ? ? 1_555 A CYS 50 SG ? ? A CYS 25 A CYS 50 1_555 ? ? ? ? ? ? ? 1.949 ? ? 
disulf4 disulf ? ? A CYS 38 SG ? ? ? 1_555 A CYS 57 SG ? ? A CYS 38 A CYS 57 1_555 ? ? ? ? ? ? ? 1.964 ? ? 
# 
_struct_conn_type.id          disulf 
_struct_conn_type.criteria    ? 
_struct_conn_type.reference   ? 
# 
loop_
_pdbx_modification_feature.ordinal 
_pdbx_modification_feature.label_comp_id 
_pdbx_modification_feature.label_asym_id 
_pdbx_modification_feature.label_seq_id 
_pdbx_modification_feature.label_alt_id 
_pdbx_modification_feature.modified_residue_label_comp_id 
_pdbx_modification_feature.modified_residue_label_asym_id 
_pdbx_modification_feature.modified_residue_label_seq_id 
_pdbx_modification_feature.modified_residue_label_alt_id 
_pdbx_modification_feature.auth_comp_id 
_pdbx_modification_feature.auth_asym_id 
_pdbx_modification_feature.auth_seq_id 
_pdbx_modification_feature.PDB_ins_code 
_pdbx_modification_feature.symmetry 
_pdbx_modification_feature.modified_residue_auth_comp_id 
_pdbx_modification_feature.modified_residue_auth_asym_id 
_pdbx_modification_feature.modified_residue_auth_seq_id 
_pdbx_modification_feature.modified_residue_PDB_ins_code 
_pdbx_modification_feature.modified_residue_symmetry 
_pdbx_modification_feature.comp_id_linking_atom 
_pdbx_modification_feature.modified_residue_id_linking_atom 
_pdbx_modification_feature.modified_residue_id 
_pdbx_modification_feature.ref_pcm_id 
_pdbx_modification_feature.ref_comp_id 
_pdbx_modification_feature.type 
_pdbx_modification_feature.category 
1 CYS A 6  ? CYS A 29 ? CYS A 6  ? 1_555 CYS A 29 ? 1_555 SG SG . . . None 'Disulfide bridge' 
2 CYS A 20 ? CYS A 26 ? CYS A 20 ? 1_555 CYS A 26 ? 1_555 SG SG . . . None 'Disulfide bridge' 
3 CYS A 25 ? CYS A 50 ? CYS A 25 ? 1_555 CYS A 50 ? 1_555 SG SG . . . None 'Disulfide bridge' 
4 CYS A 38 ? CYS A 57 ? CYS A 38 ? 1_555 CYS A 57 ? 1_555 SG SG . . . None 'Disulfide bridge' 
# 
loop_
_struct_sheet.id 
_struct_sheet.type 
_struct_sheet.number_strands 
_struct_sheet.details 
A ? 2 ? 
B ? 2 ? 
C ? 2 ? 
# 
loop_
_struct_sheet_order.sheet_id 
_struct_sheet_order.range_id_1 
_struct_sheet_order.range_id_2 
_struct_sheet_order.offset 
_struct_sheet_order.sense 
A 1 2 ? anti-parallel 
B 1 2 ? anti-parallel 
C 1 2 ? anti-parallel 
# 
loop_
_struct_sheet_range.sheet_id 
_struct_sheet_range.id 
_struct_sheet_range.beg_label_comp_id 
_struct_sheet_range.beg_label_asym_id 
_struct_sheet_range.beg_label_seq_id 
_struct_sheet_range.pdbx_beg_PDB_ins_code 
_struct_sheet_range.end_label_comp_id 
_struct_sheet_range.end_label_asym_id 
_struct_sheet_range.end_label_seq_id 
_struct_sheet_range.pdbx_end_PDB_ins_code 
_struct_sheet_range.beg_auth_comp_id 
_struct_sheet_range.beg_auth_asym_id 
_struct_sheet_range.beg_auth_seq_id 
_struct_sheet_range.end_auth_comp_id 
_struct_sheet_range.end_auth_asym_id 
_struct_sheet_range.end_auth_seq_id 
A 1 CYS A 7  ? ASP A 8  ? CYS A 7  ASP A 8  
A 2 GLU A 13 ? PRO A 14 ? GLU A 13 PRO A 14 
B 1 CYS A 26 ? ARG A 27 ? CYS A 26 ARG A 27 
B 2 LYS A 30 ? PHE A 31 ? LYS A 30 PHE A 31 
C 1 ILE A 37 ? LYS A 39 ? ILE A 37 LYS A 39 
C 2 ASP A 48 ? TYR A 49 ? ASP A 48 TYR A 49 
# 
loop_
_pdbx_struct_sheet_hbond.sheet_id 
_pdbx_struct_sheet_hbond.range_id_1 
_pdbx_struct_sheet_hbond.range_id_2 
_pdbx_struct_sheet_hbond.range_1_label_atom_id 
_pdbx_struct_sheet_hbond.range_1_label_comp_id 
_pdbx_struct_sheet_hbond.range_1_label_asym_id 
_pdbx_struct_sheet_hbond.range_1_label_seq_id 
_pdbx_struct_sheet_hbond.range_1_PDB_ins_code 
_pdbx_struct_sheet_hbond.range_1_auth_atom_id 
_pdbx_struct_sheet_hbond.range_1_auth_comp_id 
_pdbx_struct_sheet_hbond.range_1_auth_asym_id 
_pdbx_struct_sheet_hbond.range_1_auth_seq_id 
_pdbx_struct_sheet_hbond.range_2_label_atom_id 
_pdbx_struct_sheet_hbond.range_2_label_comp_id 
_pdbx_struct_sheet_hbond.range_2_label_asym_id 
_pdbx_struct_sheet_hbond.range_2_label_seq_id 
_pdbx_struct_sheet_hbond.range_2_PDB_ins_code 
_pdbx_struct_sheet_hbond.range_2_auth_atom_id 
_pdbx_struct_sheet_hbond.range_2_auth_comp_id 
_pdbx_struct_sheet_hbond.range_2_auth_asym_id 
_pdbx_struct_sheet_hbond.range_2_auth_seq_id 
A 1 2 N ASP A 8  ? N ASP A 8  O GLU A 13 ? O GLU A 13 
B 1 2 N ARG A 27 ? N ARG A 27 O LYS A 30 ? O LYS A 30 
C 1 2 N CYS A 38 ? N CYS A 38 O ASP A 48 ? O ASP A 48 
# 
_pdbx_entry_details.entry_id                   1Z1X 
_pdbx_entry_details.compound_details           ? 
_pdbx_entry_details.source_details             ? 
_pdbx_entry_details.nonpolymer_details         ? 
_pdbx_entry_details.sequence_details           ? 
_pdbx_entry_details.has_ligand_of_interest     ? 
_pdbx_entry_details.has_protein_modification   Y 
# 
_pdbx_validate_rmsd_angle.id                         1 
_pdbx_validate_rmsd_angle.PDB_model_num              1 
_pdbx_validate_rmsd_angle.auth_atom_id_1             C 
_pdbx_validate_rmsd_angle.auth_asym_id_1             A 
_pdbx_validate_rmsd_angle.auth_comp_id_1             CYS 
_pdbx_validate_rmsd_angle.auth_seq_id_1              57 
_pdbx_validate_rmsd_angle.PDB_ins_code_1             ? 
_pdbx_validate_rmsd_angle.label_alt_id_1             ? 
_pdbx_validate_rmsd_angle.auth_atom_id_2             N 
_pdbx_validate_rmsd_angle.auth_asym_id_2             A 
_pdbx_validate_rmsd_angle.auth_comp_id_2             PRO 
_pdbx_validate_rmsd_angle.auth_seq_id_2              58 
_pdbx_validate_rmsd_angle.PDB_ins_code_2             ? 
_pdbx_validate_rmsd_angle.label_alt_id_2             ? 
_pdbx_validate_rmsd_angle.auth_atom_id_3             CD 
_pdbx_validate_rmsd_angle.auth_asym_id_3             A 
_pdbx_validate_rmsd_angle.auth_comp_id_3             PRO 
_pdbx_validate_rmsd_angle.auth_seq_id_3              58 
_pdbx_validate_rmsd_angle.PDB_ins_code_3             ? 
_pdbx_validate_rmsd_angle.label_alt_id_3             ? 
_pdbx_validate_rmsd_angle.angle_value                110.33 
_pdbx_validate_rmsd_angle.angle_target_value         128.40 
_pdbx_validate_rmsd_angle.angle_deviation            -18.07 
_pdbx_validate_rmsd_angle.angle_standard_deviation   2.10 
_pdbx_validate_rmsd_angle.linker_flag                Y 
# 
loop_
_pdbx_validate_torsion.id 
_pdbx_validate_torsion.PDB_model_num 
_pdbx_validate_torsion.auth_comp_id 
_pdbx_validate_torsion.auth_asym_id 
_pdbx_validate_torsion.auth_seq_id 
_pdbx_validate_torsion.PDB_ins_code 
_pdbx_validate_torsion.label_alt_id 
_pdbx_validate_torsion.phi 
_pdbx_validate_torsion.psi 
1 1 SER A 2  ? ? -50.65  -151.69 
2 1 VAL A 3  ? ? -39.57  148.07  
3 1 ILE A 21 ? ? -97.94  -63.91  
4 1 CYS A 29 ? ? 70.98   -0.55   
5 1 LYS A 39 ? ? -171.35 133.87  
6 1 LEU A 43 ? ? 174.43  97.83   
7 1 ASP A 44 ? ? -161.12 -16.59  
# 
loop_
_chem_comp_atom.comp_id 
_chem_comp_atom.atom_id 
_chem_comp_atom.type_symbol 
_chem_comp_atom.pdbx_aromatic_flag 
_chem_comp_atom.pdbx_stereo_config 
_chem_comp_atom.pdbx_ordinal 
ALA N    N N N 1   
ALA CA   C N S 2   
ALA C    C N N 3   
ALA O    O N N 4   
ALA CB   C N N 5   
ALA OXT  O N N 6   
ALA H    H N N 7   
ALA H2   H N N 8   
ALA HA   H N N 9   
ALA HB1  H N N 10  
ALA HB2  H N N 11  
ALA HB3  H N N 12  
ALA HXT  H N N 13  
ARG N    N N N 14  
ARG CA   C N S 15  
ARG C    C N N 16  
ARG O    O N N 17  
ARG CB   C N N 18  
ARG CG   C N N 19  
ARG CD   C N N 20  
ARG NE   N N N 21  
ARG CZ   C N N 22  
ARG NH1  N N N 23  
ARG NH2  N N N 24  
ARG OXT  O N N 25  
ARG H    H N N 26  
ARG H2   H N N 27  
ARG HA   H N N 28  
ARG HB2  H N N 29  
ARG HB3  H N N 30  
ARG HG2  H N N 31  
ARG HG3  H N N 32  
ARG HD2  H N N 33  
ARG HD3  H N N 34  
ARG HE   H N N 35  
ARG HH11 H N N 36  
ARG HH12 H N N 37  
ARG HH21 H N N 38  
ARG HH22 H N N 39  
ARG HXT  H N N 40  
ASN N    N N N 41  
ASN CA   C N S 42  
ASN C    C N N 43  
ASN O    O N N 44  
ASN CB   C N N 45  
ASN CG   C N N 46  
ASN OD1  O N N 47  
ASN ND2  N N N 48  
ASN OXT  O N N 49  
ASN H    H N N 50  
ASN H2   H N N 51  
ASN HA   H N N 52  
ASN HB2  H N N 53  
ASN HB3  H N N 54  
ASN HD21 H N N 55  
ASN HD22 H N N 56  
ASN HXT  H N N 57  
ASP N    N N N 58  
ASP CA   C N S 59  
ASP C    C N N 60  
ASP O    O N N 61  
ASP CB   C N N 62  
ASP CG   C N N 63  
ASP OD1  O N N 64  
ASP OD2  O N N 65  
ASP OXT  O N N 66  
ASP H    H N N 67  
ASP H2   H N N 68  
ASP HA   H N N 69  
ASP HB2  H N N 70  
ASP HB3  H N N 71  
ASP HD2  H N N 72  
ASP HXT  H N N 73  
CYS N    N N N 74  
CYS CA   C N R 75  
CYS C    C N N 76  
CYS O    O N N 77  
CYS CB   C N N 78  
CYS SG   S N N 79  
CYS OXT  O N N 80  
CYS H    H N N 81  
CYS H2   H N N 82  
CYS HA   H N N 83  
CYS HB2  H N N 84  
CYS HB3  H N N 85  
CYS HG   H N N 86  
CYS HXT  H N N 87  
GLU N    N N N 88  
GLU CA   C N S 89  
GLU C    C N N 90  
GLU O    O N N 91  
GLU CB   C N N 92  
GLU CG   C N N 93  
GLU CD   C N N 94  
GLU OE1  O N N 95  
GLU OE2  O N N 96  
GLU OXT  O N N 97  
GLU H    H N N 98  
GLU H2   H N N 99  
GLU HA   H N N 100 
GLU HB2  H N N 101 
GLU HB3  H N N 102 
GLU HG2  H N N 103 
GLU HG3  H N N 104 
GLU HE2  H N N 105 
GLU HXT  H N N 106 
GLY N    N N N 107 
GLY CA   C N N 108 
GLY C    C N N 109 
GLY O    O N N 110 
GLY OXT  O N N 111 
GLY H    H N N 112 
GLY H2   H N N 113 
GLY HA2  H N N 114 
GLY HA3  H N N 115 
GLY HXT  H N N 116 
HIS N    N N N 117 
HIS CA   C N S 118 
HIS C    C N N 119 
HIS O    O N N 120 
HIS CB   C N N 121 
HIS CG   C Y N 122 
HIS ND1  N Y N 123 
HIS CD2  C Y N 124 
HIS CE1  C Y N 125 
HIS NE2  N Y N 126 
HIS OXT  O N N 127 
HIS H    H N N 128 
HIS H2   H N N 129 
HIS HA   H N N 130 
HIS HB2  H N N 131 
HIS HB3  H N N 132 
HIS HD1  H N N 133 
HIS HD2  H N N 134 
HIS HE1  H N N 135 
HIS HE2  H N N 136 
HIS HXT  H N N 137 
HOH O    O N N 138 
HOH H1   H N N 139 
HOH H2   H N N 140 
ILE N    N N N 141 
ILE CA   C N S 142 
ILE C    C N N 143 
ILE O    O N N 144 
ILE CB   C N S 145 
ILE CG1  C N N 146 
ILE CG2  C N N 147 
ILE CD1  C N N 148 
ILE OXT  O N N 149 
ILE H    H N N 150 
ILE H2   H N N 151 
ILE HA   H N N 152 
ILE HB   H N N 153 
ILE HG12 H N N 154 
ILE HG13 H N N 155 
ILE HG21 H N N 156 
ILE HG22 H N N 157 
ILE HG23 H N N 158 
ILE HD11 H N N 159 
ILE HD12 H N N 160 
ILE HD13 H N N 161 
ILE HXT  H N N 162 
LEU N    N N N 163 
LEU CA   C N S 164 
LEU C    C N N 165 
LEU O    O N N 166 
LEU CB   C N N 167 
LEU CG   C N N 168 
LEU CD1  C N N 169 
LEU CD2  C N N 170 
LEU OXT  O N N 171 
LEU H    H N N 172 
LEU H2   H N N 173 
LEU HA   H N N 174 
LEU HB2  H N N 175 
LEU HB3  H N N 176 
LEU HG   H N N 177 
LEU HD11 H N N 178 
LEU HD12 H N N 179 
LEU HD13 H N N 180 
LEU HD21 H N N 181 
LEU HD22 H N N 182 
LEU HD23 H N N 183 
LEU HXT  H N N 184 
LYS N    N N N 185 
LYS CA   C N S 186 
LYS C    C N N 187 
LYS O    O N N 188 
LYS CB   C N N 189 
LYS CG   C N N 190 
LYS CD   C N N 191 
LYS CE   C N N 192 
LYS NZ   N N N 193 
LYS OXT  O N N 194 
LYS H    H N N 195 
LYS H2   H N N 196 
LYS HA   H N N 197 
LYS HB2  H N N 198 
LYS HB3  H N N 199 
LYS HG2  H N N 200 
LYS HG3  H N N 201 
LYS HD2  H N N 202 
LYS HD3  H N N 203 
LYS HE2  H N N 204 
LYS HE3  H N N 205 
LYS HZ1  H N N 206 
LYS HZ2  H N N 207 
LYS HZ3  H N N 208 
LYS HXT  H N N 209 
MET N    N N N 210 
MET CA   C N S 211 
MET C    C N N 212 
MET O    O N N 213 
MET CB   C N N 214 
MET CG   C N N 215 
MET SD   S N N 216 
MET CE   C N N 217 
MET OXT  O N N 218 
MET H    H N N 219 
MET H2   H N N 220 
MET HA   H N N 221 
MET HB2  H N N 222 
MET HB3  H N N 223 
MET HG2  H N N 224 
MET HG3  H N N 225 
MET HE1  H N N 226 
MET HE2  H N N 227 
MET HE3  H N N 228 
MET HXT  H N N 229 
PHE N    N N N 230 
PHE CA   C N S 231 
PHE C    C N N 232 
PHE O    O N N 233 
PHE CB   C N N 234 
PHE CG   C Y N 235 
PHE CD1  C Y N 236 
PHE CD2  C Y N 237 
PHE CE1  C Y N 238 
PHE CE2  C Y N 239 
PHE CZ   C Y N 240 
PHE OXT  O N N 241 
PHE H    H N N 242 
PHE H2   H N N 243 
PHE HA   H N N 244 
PHE HB2  H N N 245 
PHE HB3  H N N 246 
PHE HD1  H N N 247 
PHE HD2  H N N 248 
PHE HE1  H N N 249 
PHE HE2  H N N 250 
PHE HZ   H N N 251 
PHE HXT  H N N 252 
PRO N    N N N 253 
PRO CA   C N S 254 
PRO C    C N N 255 
PRO O    O N N 256 
PRO CB   C N N 257 
PRO CG   C N N 258 
PRO CD   C N N 259 
PRO OXT  O N N 260 
PRO H    H N N 261 
PRO HA   H N N 262 
PRO HB2  H N N 263 
PRO HB3  H N N 264 
PRO HG2  H N N 265 
PRO HG3  H N N 266 
PRO HD2  H N N 267 
PRO HD3  H N N 268 
PRO HXT  H N N 269 
SER N    N N N 270 
SER CA   C N S 271 
SER C    C N N 272 
SER O    O N N 273 
SER CB   C N N 274 
SER OG   O N N 275 
SER OXT  O N N 276 
SER H    H N N 277 
SER H2   H N N 278 
SER HA   H N N 279 
SER HB2  H N N 280 
SER HB3  H N N 281 
SER HG   H N N 282 
SER HXT  H N N 283 
THR N    N N N 284 
THR CA   C N S 285 
THR C    C N N 286 
THR O    O N N 287 
THR CB   C N R 288 
THR OG1  O N N 289 
THR CG2  C N N 290 
THR OXT  O N N 291 
THR H    H N N 292 
THR H2   H N N 293 
THR HA   H N N 294 
THR HB   H N N 295 
THR HG1  H N N 296 
THR HG21 H N N 297 
THR HG22 H N N 298 
THR HG23 H N N 299 
THR HXT  H N N 300 
TYR N    N N N 301 
TYR CA   C N S 302 
TYR C    C N N 303 
TYR O    O N N 304 
TYR CB   C N N 305 
TYR CG   C Y N 306 
TYR CD1  C Y N 307 
TYR CD2  C Y N 308 
TYR CE1  C Y N 309 
TYR CE2  C Y N 310 
TYR CZ   C Y N 311 
TYR OH   O N N 312 
TYR OXT  O N N 313 
TYR H    H N N 314 
TYR H2   H N N 315 
TYR HA   H N N 316 
TYR HB2  H N N 317 
TYR HB3  H N N 318 
TYR HD1  H N N 319 
TYR HD2  H N N 320 
TYR HE1  H N N 321 
TYR HE2  H N N 322 
TYR HH   H N N 323 
TYR HXT  H N N 324 
VAL N    N N N 325 
VAL CA   C N S 326 
VAL C    C N N 327 
VAL O    O N N 328 
VAL CB   C N N 329 
VAL CG1  C N N 330 
VAL CG2  C N N 331 
VAL OXT  O N N 332 
VAL H    H N N 333 
VAL H2   H N N 334 
VAL HA   H N N 335 
VAL HB   H N N 336 
VAL HG11 H N N 337 
VAL HG12 H N N 338 
VAL HG13 H N N 339 
VAL HG21 H N N 340 
VAL HG22 H N N 341 
VAL HG23 H N N 342 
VAL HXT  H N N 343 
# 
loop_
_chem_comp_bond.comp_id 
_chem_comp_bond.atom_id_1 
_chem_comp_bond.atom_id_2 
_chem_comp_bond.value_order 
_chem_comp_bond.pdbx_aromatic_flag 
_chem_comp_bond.pdbx_stereo_config 
_chem_comp_bond.pdbx_ordinal 
ALA N   CA   sing N N 1   
ALA N   H    sing N N 2   
ALA N   H2   sing N N 3   
ALA CA  C    sing N N 4   
ALA CA  CB   sing N N 5   
ALA CA  HA   sing N N 6   
ALA C   O    doub N N 7   
ALA C   OXT  sing N N 8   
ALA CB  HB1  sing N N 9   
ALA CB  HB2  sing N N 10  
ALA CB  HB3  sing N N 11  
ALA OXT HXT  sing N N 12  
ARG N   CA   sing N N 13  
ARG N   H    sing N N 14  
ARG N   H2   sing N N 15  
ARG CA  C    sing N N 16  
ARG CA  CB   sing N N 17  
ARG CA  HA   sing N N 18  
ARG C   O    doub N N 19  
ARG C   OXT  sing N N 20  
ARG CB  CG   sing N N 21  
ARG CB  HB2  sing N N 22  
ARG CB  HB3  sing N N 23  
ARG CG  CD   sing N N 24  
ARG CG  HG2  sing N N 25  
ARG CG  HG3  sing N N 26  
ARG CD  NE   sing N N 27  
ARG CD  HD2  sing N N 28  
ARG CD  HD3  sing N N 29  
ARG NE  CZ   sing N N 30  
ARG NE  HE   sing N N 31  
ARG CZ  NH1  sing N N 32  
ARG CZ  NH2  doub N N 33  
ARG NH1 HH11 sing N N 34  
ARG NH1 HH12 sing N N 35  
ARG NH2 HH21 sing N N 36  
ARG NH2 HH22 sing N N 37  
ARG OXT HXT  sing N N 38  
ASN N   CA   sing N N 39  
ASN N   H    sing N N 40  
ASN N   H2   sing N N 41  
ASN CA  C    sing N N 42  
ASN CA  CB   sing N N 43  
ASN CA  HA   sing N N 44  
ASN C   O    doub N N 45  
ASN C   OXT  sing N N 46  
ASN CB  CG   sing N N 47  
ASN CB  HB2  sing N N 48  
ASN CB  HB3  sing N N 49  
ASN CG  OD1  doub N N 50  
ASN CG  ND2  sing N N 51  
ASN ND2 HD21 sing N N 52  
ASN ND2 HD22 sing N N 53  
ASN OXT HXT  sing N N 54  
ASP N   CA   sing N N 55  
ASP N   H    sing N N 56  
ASP N   H2   sing N N 57  
ASP CA  C    sing N N 58  
ASP CA  CB   sing N N 59  
ASP CA  HA   sing N N 60  
ASP C   O    doub N N 61  
ASP C   OXT  sing N N 62  
ASP CB  CG   sing N N 63  
ASP CB  HB2  sing N N 64  
ASP CB  HB3  sing N N 65  
ASP CG  OD1  doub N N 66  
ASP CG  OD2  sing N N 67  
ASP OD2 HD2  sing N N 68  
ASP OXT HXT  sing N N 69  
CYS N   CA   sing N N 70  
CYS N   H    sing N N 71  
CYS N   H2   sing N N 72  
CYS CA  C    sing N N 73  
CYS CA  CB   sing N N 74  
CYS CA  HA   sing N N 75  
CYS C   O    doub N N 76  
CYS C   OXT  sing N N 77  
CYS CB  SG   sing N N 78  
CYS CB  HB2  sing N N 79  
CYS CB  HB3  sing N N 80  
CYS SG  HG   sing N N 81  
CYS OXT HXT  sing N N 82  
GLU N   CA   sing N N 83  
GLU N   H    sing N N 84  
GLU N   H2   sing N N 85  
GLU CA  C    sing N N 86  
GLU CA  CB   sing N N 87  
GLU CA  HA   sing N N 88  
GLU C   O    doub N N 89  
GLU C   OXT  sing N N 90  
GLU CB  CG   sing N N 91  
GLU CB  HB2  sing N N 92  
GLU CB  HB3  sing N N 93  
GLU CG  CD   sing N N 94  
GLU CG  HG2  sing N N 95  
GLU CG  HG3  sing N N 96  
GLU CD  OE1  doub N N 97  
GLU CD  OE2  sing N N 98  
GLU OE2 HE2  sing N N 99  
GLU OXT HXT  sing N N 100 
GLY N   CA   sing N N 101 
GLY N   H    sing N N 102 
GLY N   H2   sing N N 103 
GLY CA  C    sing N N 104 
GLY CA  HA2  sing N N 105 
GLY CA  HA3  sing N N 106 
GLY C   O    doub N N 107 
GLY C   OXT  sing N N 108 
GLY OXT HXT  sing N N 109 
HIS N   CA   sing N N 110 
HIS N   H    sing N N 111 
HIS N   H2   sing N N 112 
HIS CA  C    sing N N 113 
HIS CA  CB   sing N N 114 
HIS CA  HA   sing N N 115 
HIS C   O    doub N N 116 
HIS C   OXT  sing N N 117 
HIS CB  CG   sing N N 118 
HIS CB  HB2  sing N N 119 
HIS CB  HB3  sing N N 120 
HIS CG  ND1  sing Y N 121 
HIS CG  CD2  doub Y N 122 
HIS ND1 CE1  doub Y N 123 
HIS ND1 HD1  sing N N 124 
HIS CD2 NE2  sing Y N 125 
HIS CD2 HD2  sing N N 126 
HIS CE1 NE2  sing Y N 127 
HIS CE1 HE1  sing N N 128 
HIS NE2 HE2  sing N N 129 
HIS OXT HXT  sing N N 130 
HOH O   H1   sing N N 131 
HOH O   H2   sing N N 132 
ILE N   CA   sing N N 133 
ILE N   H    sing N N 134 
ILE N   H2   sing N N 135 
ILE CA  C    sing N N 136 
ILE CA  CB   sing N N 137 
ILE CA  HA   sing N N 138 
ILE C   O    doub N N 139 
ILE C   OXT  sing N N 140 
ILE CB  CG1  sing N N 141 
ILE CB  CG2  sing N N 142 
ILE CB  HB   sing N N 143 
ILE CG1 CD1  sing N N 144 
ILE CG1 HG12 sing N N 145 
ILE CG1 HG13 sing N N 146 
ILE CG2 HG21 sing N N 147 
ILE CG2 HG22 sing N N 148 
ILE CG2 HG23 sing N N 149 
ILE CD1 HD11 sing N N 150 
ILE CD1 HD12 sing N N 151 
ILE CD1 HD13 sing N N 152 
ILE OXT HXT  sing N N 153 
LEU N   CA   sing N N 154 
LEU N   H    sing N N 155 
LEU N   H2   sing N N 156 
LEU CA  C    sing N N 157 
LEU CA  CB   sing N N 158 
LEU CA  HA   sing N N 159 
LEU C   O    doub N N 160 
LEU C   OXT  sing N N 161 
LEU CB  CG   sing N N 162 
LEU CB  HB2  sing N N 163 
LEU CB  HB3  sing N N 164 
LEU CG  CD1  sing N N 165 
LEU CG  CD2  sing N N 166 
LEU CG  HG   sing N N 167 
LEU CD1 HD11 sing N N 168 
LEU CD1 HD12 sing N N 169 
LEU CD1 HD13 sing N N 170 
LEU CD2 HD21 sing N N 171 
LEU CD2 HD22 sing N N 172 
LEU CD2 HD23 sing N N 173 
LEU OXT HXT  sing N N 174 
LYS N   CA   sing N N 175 
LYS N   H    sing N N 176 
LYS N   H2   sing N N 177 
LYS CA  C    sing N N 178 
LYS CA  CB   sing N N 179 
LYS CA  HA   sing N N 180 
LYS C   O    doub N N 181 
LYS C   OXT  sing N N 182 
LYS CB  CG   sing N N 183 
LYS CB  HB2  sing N N 184 
LYS CB  HB3  sing N N 185 
LYS CG  CD   sing N N 186 
LYS CG  HG2  sing N N 187 
LYS CG  HG3  sing N N 188 
LYS CD  CE   sing N N 189 
LYS CD  HD2  sing N N 190 
LYS CD  HD3  sing N N 191 
LYS CE  NZ   sing N N 192 
LYS CE  HE2  sing N N 193 
LYS CE  HE3  sing N N 194 
LYS NZ  HZ1  sing N N 195 
LYS NZ  HZ2  sing N N 196 
LYS NZ  HZ3  sing N N 197 
LYS OXT HXT  sing N N 198 
MET N   CA   sing N N 199 
MET N   H    sing N N 200 
MET N   H2   sing N N 201 
MET CA  C    sing N N 202 
MET CA  CB   sing N N 203 
MET CA  HA   sing N N 204 
MET C   O    doub N N 205 
MET C   OXT  sing N N 206 
MET CB  CG   sing N N 207 
MET CB  HB2  sing N N 208 
MET CB  HB3  sing N N 209 
MET CG  SD   sing N N 210 
MET CG  HG2  sing N N 211 
MET CG  HG3  sing N N 212 
MET SD  CE   sing N N 213 
MET CE  HE1  sing N N 214 
MET CE  HE2  sing N N 215 
MET CE  HE3  sing N N 216 
MET OXT HXT  sing N N 217 
PHE N   CA   sing N N 218 
PHE N   H    sing N N 219 
PHE N   H2   sing N N 220 
PHE CA  C    sing N N 221 
PHE CA  CB   sing N N 222 
PHE CA  HA   sing N N 223 
PHE C   O    doub N N 224 
PHE C   OXT  sing N N 225 
PHE CB  CG   sing N N 226 
PHE CB  HB2  sing N N 227 
PHE CB  HB3  sing N N 228 
PHE CG  CD1  doub Y N 229 
PHE CG  CD2  sing Y N 230 
PHE CD1 CE1  sing Y N 231 
PHE CD1 HD1  sing N N 232 
PHE CD2 CE2  doub Y N 233 
PHE CD2 HD2  sing N N 234 
PHE CE1 CZ   doub Y N 235 
PHE CE1 HE1  sing N N 236 
PHE CE2 CZ   sing Y N 237 
PHE CE2 HE2  sing N N 238 
PHE CZ  HZ   sing N N 239 
PHE OXT HXT  sing N N 240 
PRO N   CA   sing N N 241 
PRO N   CD   sing N N 242 
PRO N   H    sing N N 243 
PRO CA  C    sing N N 244 
PRO CA  CB   sing N N 245 
PRO CA  HA   sing N N 246 
PRO C   O    doub N N 247 
PRO C   OXT  sing N N 248 
PRO CB  CG   sing N N 249 
PRO CB  HB2  sing N N 250 
PRO CB  HB3  sing N N 251 
PRO CG  CD   sing N N 252 
PRO CG  HG2  sing N N 253 
PRO CG  HG3  sing N N 254 
PRO CD  HD2  sing N N 255 
PRO CD  HD3  sing N N 256 
PRO OXT HXT  sing N N 257 
SER N   CA   sing N N 258 
SER N   H    sing N N 259 
SER N   H2   sing N N 260 
SER CA  C    sing N N 261 
SER CA  CB   sing N N 262 
SER CA  HA   sing N N 263 
SER C   O    doub N N 264 
SER C   OXT  sing N N 265 
SER CB  OG   sing N N 266 
SER CB  HB2  sing N N 267 
SER CB  HB3  sing N N 268 
SER OG  HG   sing N N 269 
SER OXT HXT  sing N N 270 
THR N   CA   sing N N 271 
THR N   H    sing N N 272 
THR N   H2   sing N N 273 
THR CA  C    sing N N 274 
THR CA  CB   sing N N 275 
THR CA  HA   sing N N 276 
THR C   O    doub N N 277 
THR C   OXT  sing N N 278 
THR CB  OG1  sing N N 279 
THR CB  CG2  sing N N 280 
THR CB  HB   sing N N 281 
THR OG1 HG1  sing N N 282 
THR CG2 HG21 sing N N 283 
THR CG2 HG22 sing N N 284 
THR CG2 HG23 sing N N 285 
THR OXT HXT  sing N N 286 
TYR N   CA   sing N N 287 
TYR N   H    sing N N 288 
TYR N   H2   sing N N 289 
TYR CA  C    sing N N 290 
TYR CA  CB   sing N N 291 
TYR CA  HA   sing N N 292 
TYR C   O    doub N N 293 
TYR C   OXT  sing N N 294 
TYR CB  CG   sing N N 295 
TYR CB  HB2  sing N N 296 
TYR CB  HB3  sing N N 297 
TYR CG  CD1  doub Y N 298 
TYR CG  CD2  sing Y N 299 
TYR CD1 CE1  sing Y N 300 
TYR CD1 HD1  sing N N 301 
TYR CD2 CE2  doub Y N 302 
TYR CD2 HD2  sing N N 303 
TYR CE1 CZ   doub Y N 304 
TYR CE1 HE1  sing N N 305 
TYR CE2 CZ   sing Y N 306 
TYR CE2 HE2  sing N N 307 
TYR CZ  OH   sing N N 308 
TYR OH  HH   sing N N 309 
TYR OXT HXT  sing N N 310 
VAL N   CA   sing N N 311 
VAL N   H    sing N N 312 
VAL N   H2   sing N N 313 
VAL CA  C    sing N N 314 
VAL CA  CB   sing N N 315 
VAL CA  HA   sing N N 316 
VAL C   O    doub N N 317 
VAL C   OXT  sing N N 318 
VAL CB  CG1  sing N N 319 
VAL CB  CG2  sing N N 320 
VAL CB  HB   sing N N 321 
VAL CG1 HG11 sing N N 322 
VAL CG1 HG12 sing N N 323 
VAL CG1 HG13 sing N N 324 
VAL CG2 HG21 sing N N 325 
VAL CG2 HG22 sing N N 326 
VAL CG2 HG23 sing N N 327 
VAL OXT HXT  sing N N 328 
# 
_pdbx_initial_refinement_model.id               1 
_pdbx_initial_refinement_model.entity_id_list   ? 
_pdbx_initial_refinement_model.type             'experimental model' 
_pdbx_initial_refinement_model.source_name      PDB 
_pdbx_initial_refinement_model.accession_code   1RMR 
_pdbx_initial_refinement_model.details          ? 
# 
_atom_sites.entry_id                    1Z1X 
_atom_sites.fract_transf_matrix[1][1]   0.00772772 
_atom_sites.fract_transf_matrix[1][2]   0.00738760 
_atom_sites.fract_transf_matrix[1][3]   0.00234493 
_atom_sites.fract_transf_matrix[2][1]   -0.00512704 
_atom_sites.fract_transf_matrix[2][2]   0.00238886 
_atom_sites.fract_transf_matrix[2][3]   0.00937016 
_atom_sites.fract_transf_matrix[3][1]   0.00966644 
_atom_sites.fract_transf_matrix[3][2]   -0.01282843 
_atom_sites.fract_transf_matrix[3][3]   0.00855966 
_atom_sites.fract_transf_vector[1]      0.124845 
_atom_sites.fract_transf_vector[2]      0.570313 
_atom_sites.fract_transf_vector[3]      0.415595 
# 
loop_
_atom_type.symbol 
C 
N 
O 
S 
# 
loop_
_atom_site.group_PDB 
_atom_site.id 
_atom_site.type_symbol 
_atom_site.label_atom_id 
_atom_site.label_alt_id 
_atom_site.label_comp_id 
_atom_site.label_asym_id 
_atom_site.label_entity_id 
_atom_site.label_seq_id 
_atom_site.pdbx_PDB_ins_code 
_atom_site.Cartn_x 
_atom_site.Cartn_y 
_atom_site.Cartn_z 
_atom_site.occupancy 
_atom_site.B_iso_or_equiv 
_atom_site.pdbx_formal_charge 
_atom_site.auth_seq_id 
_atom_site.auth_comp_id 
_atom_site.auth_asym_id 
_atom_site.auth_atom_id 
_atom_site.pdbx_PDB_model_num 
ATOM   1   N N   . ASN A 1 1  ? 12.661  -12.682 3.052   1.00 89.37  ? 1  ASN A N   1 
ATOM   2   C CA  . ASN A 1 1  ? 13.145  -14.010 2.621   1.00 89.13  ? 1  ASN A CA  1 
ATOM   3   C C   . ASN A 1 1  ? 11.982  -14.873 2.071   1.00 88.59  ? 1  ASN A C   1 
ATOM   4   O O   . ASN A 1 1  ? 11.218  -14.421 1.206   1.00 88.85  ? 1  ASN A O   1 
ATOM   5   C CB  . ASN A 1 1  ? 13.874  -14.725 3.777   1.00 89.36  ? 1  ASN A CB  1 
ATOM   6   C CG  . ASN A 1 1  ? 14.911  -15.759 3.301   1.00 91.46  ? 1  ASN A CG  1 
ATOM   7   O OD1 . ASN A 1 1  ? 16.014  -15.846 3.858   1.00 95.20  ? 1  ASN A OD1 1 
ATOM   8   N ND2 . ASN A 1 1  ? 14.562  -16.547 2.292   1.00 91.96  ? 1  ASN A ND2 1 
ATOM   9   N N   . SER A 1 2  ? 11.870  -16.145 2.566   1.00 87.85  ? 2  SER A N   1 
ATOM   10  C CA  . SER A 1 2  ? 10.892  -17.199 2.092   1.00 86.76  ? 2  SER A CA  1 
ATOM   11  C C   . SER A 1 2  ? 9.443   -16.813 1.995   1.00 85.42  ? 2  SER A C   1 
ATOM   12  O O   . SER A 1 2  ? 9.127   -15.635 1.794   1.00 85.97  ? 2  SER A O   1 
ATOM   13  C CB  . SER A 1 2  ? 10.924  -18.435 2.997   1.00 87.02  ? 2  SER A CB  1 
ATOM   14  O OG  . SER A 1 2  ? 12.164  -18.531 3.655   1.00 88.14  ? 2  SER A OG  1 
ATOM   15  N N   . VAL A 1 3  ? 8.534   -17.819 2.159   1.00 83.07  ? 3  VAL A N   1 
ATOM   16  C CA  . VAL A 1 3  ? 7.118   -17.492 2.161   1.00 81.35  ? 3  VAL A CA  1 
ATOM   17  C C   . VAL A 1 3  ? 6.909   -16.215 2.901   1.00 80.07  ? 3  VAL A C   1 
ATOM   18  O O   . VAL A 1 3  ? 7.611   -15.873 3.856   1.00 82.14  ? 3  VAL A O   1 
ATOM   19  C CB  . VAL A 1 3  ? 6.191   -18.498 2.846   1.00 80.45  ? 3  VAL A CB  1 
ATOM   20  C CG1 . VAL A 1 3  ? 5.203   -19.044 1.839   1.00 79.92  ? 3  VAL A CG1 1 
ATOM   21  C CG2 . VAL A 1 3  ? 6.991   -19.582 3.517   1.00 80.76  ? 3  VAL A CG2 1 
ATOM   22  N N   . HIS A 1 4  ? 5.912   -15.525 2.433   1.00 77.32  ? 4  HIS A N   1 
ATOM   23  C CA  . HIS A 1 4  ? 5.424   -14.353 3.076   1.00 75.30  ? 4  HIS A CA  1 
ATOM   24  C C   . HIS A 1 4  ? 4.483   -14.680 4.219   1.00 72.43  ? 4  HIS A C   1 
ATOM   25  O O   . HIS A 1 4  ? 3.675   -15.606 4.148   1.00 73.73  ? 4  HIS A O   1 
ATOM   26  C CB  . HIS A 1 4  ? 4.761   -13.471 2.028   1.00 75.84  ? 4  HIS A CB  1 
ATOM   27  C CG  . HIS A 1 4  ? 5.012   -12.011 2.271   1.00 77.99  ? 4  HIS A CG  1 
ATOM   28  N ND1 . HIS A 1 4  ? 5.519   -11.551 3.460   1.00 80.27  ? 4  HIS A ND1 1 
ATOM   29  C CD2 . HIS A 1 4  ? 4.835   -10.921 1.489   1.00 82.01  ? 4  HIS A CD2 1 
ATOM   30  C CE1 . HIS A 1 4  ? 5.650   -10.239 3.402   1.00 82.35  ? 4  HIS A CE1 1 
ATOM   31  N NE2 . HIS A 1 4  ? 5.240   -9.831  2.216   1.00 83.33  ? 4  HIS A NE2 1 
ATOM   32  N N   . PRO A 1 5  ? 4.632   -13.935 5.292   1.00 67.77  ? 5  PRO A N   1 
ATOM   33  C CA  . PRO A 1 5  ? 3.741   -14.042 6.434   1.00 65.00  ? 5  PRO A CA  1 
ATOM   34  C C   . PRO A 1 5  ? 2.363   -13.750 6.049   1.00 61.80  ? 5  PRO A C   1 
ATOM   35  O O   . PRO A 1 5  ? 1.474   -14.290 6.652   1.00 61.66  ? 5  PRO A O   1 
ATOM   36  C CB  . PRO A 1 5  ? 4.208   -12.938 7.343   1.00 65.61  ? 5  PRO A CB  1 
ATOM   37  C CG  . PRO A 1 5  ? 5.643   -12.746 6.986   1.00 67.56  ? 5  PRO A CG  1 
ATOM   38  C CD  . PRO A 1 5  ? 5.844   -13.183 5.602   1.00 67.82  ? 5  PRO A CD  1 
ATOM   39  N N   . CYS A 1 6  ? 2.198   -12.898 5.050   1.00 58.21  ? 6  CYS A N   1 
ATOM   40  C CA  . CYS A 1 6  ? 0.882   -12.468 4.628   1.00 55.69  ? 6  CYS A CA  1 
ATOM   41  C C   . CYS A 1 6  ? 0.251   -13.347 3.543   1.00 54.49  ? 6  CYS A C   1 
ATOM   42  O O   . CYS A 1 6  ? -0.958  -13.256 3.302   1.00 53.24  ? 6  CYS A O   1 
ATOM   43  C CB  . CYS A 1 6  ? 0.957   -11.006 4.119   1.00 56.13  ? 6  CYS A CB  1 
ATOM   44  S SG  . CYS A 1 6  ? 1.584   -9.764  5.246   1.00 50.52  ? 6  CYS A SG  1 
ATOM   45  N N   . CYS A 1 7  ? 1.060   -14.179 2.887   1.00 53.27  ? 7  CYS A N   1 
ATOM   46  C CA  . CYS A 1 7  ? 0.570   -15.023 1.794   1.00 52.75  ? 7  CYS A CA  1 
ATOM   47  C C   . CYS A 1 7  ? -0.061  -16.363 2.141   1.00 52.47  ? 7  CYS A C   1 
ATOM   48  O O   . CYS A 1 7  ? 0.421   -17.062 3.013   1.00 52.34  ? 7  CYS A O   1 
ATOM   49  C CB  . CYS A 1 7  ? 1.694   -15.292 0.849   1.00 52.69  ? 7  CYS A CB  1 
ATOM   50  S SG  . CYS A 1 7  ? 1.148   -16.243 -0.544  1.00 52.71  ? 7  CYS A SG  1 
ATOM   51  N N   . ASP A 1 8  ? -1.151  -16.680 1.449   1.00 52.23  ? 8  ASP A N   1 
ATOM   52  C CA  . ASP A 1 8  ? -1.834  -17.939 1.583   1.00 53.02  ? 8  ASP A CA  1 
ATOM   53  C C   . ASP A 1 8  ? -1.337  -18.701 0.379   1.00 52.25  ? 8  ASP A C   1 
ATOM   54  O O   . ASP A 1 8  ? -1.810  -18.455 -0.733  1.00 53.27  ? 8  ASP A O   1 
ATOM   55  C CB  . ASP A 1 8  ? -3.342  -17.768 1.446   1.00 53.85  ? 8  ASP A CB  1 
ATOM   56  C CG  . ASP A 1 8  ? -4.099  -19.076 1.701   1.00 55.12  ? 8  ASP A CG  1 
ATOM   57  O OD1 . ASP A 1 8  ? -3.542  -20.151 1.344   1.00 50.05  ? 8  ASP A OD1 1 
ATOM   58  O OD2 . ASP A 1 8  ? -5.234  -19.087 2.264   1.00 59.83  ? 8  ASP A OD2 1 
ATOM   59  N N   . PRO A 1 9  ? -0.412  -19.630 0.569   1.00 50.96  ? 9  PRO A N   1 
ATOM   60  C CA  . PRO A 1 9  ? 0.171   -20.323 -0.553  1.00 50.74  ? 9  PRO A CA  1 
ATOM   61  C C   . PRO A 1 9  ? -0.756  -21.336 -1.220  1.00 51.81  ? 9  PRO A C   1 
ATOM   62  O O   . PRO A 1 9  ? -0.537  -21.686 -2.359  1.00 52.04  ? 9  PRO A O   1 
ATOM   63  C CB  . PRO A 1 9  ? 1.393   -20.898 0.060   1.00 50.62  ? 9  PRO A CB  1 
ATOM   64  C CG  . PRO A 1 9  ? 0.966   -21.255 1.423   1.00 50.54  ? 9  PRO A CG  1 
ATOM   65  C CD  . PRO A 1 9  ? 0.128   -20.129 1.835   1.00 50.41  ? 9  PRO A CD  1 
ATOM   66  N N   . VAL A 1 10 ? -1.822  -21.759 -0.583  1.00 53.32  ? 10 VAL A N   1 
ATOM   67  C CA  . VAL A 1 10 ? -2.717  -22.654 -1.295  1.00 55.39  ? 10 VAL A CA  1 
ATOM   68  C C   . VAL A 1 10 ? -3.592  -21.825 -2.193  1.00 55.67  ? 10 VAL A C   1 
ATOM   69  O O   . VAL A 1 10 ? -3.973  -22.287 -3.221  1.00 55.56  ? 10 VAL A O   1 
ATOM   70  C CB  . VAL A 1 10 ? -3.577  -23.552 -0.384  1.00 56.51  ? 10 VAL A CB  1 
ATOM   71  C CG1 . VAL A 1 10 ? -2.681  -24.238 0.659   1.00 59.64  ? 10 VAL A CG1 1 
ATOM   72  C CG2 . VAL A 1 10 ? -4.676  -22.784 0.287   1.00 58.87  ? 10 VAL A CG2 1 
ATOM   73  N N   . LYS A 1 11 ? -3.909  -20.586 -1.829  1.00 57.29  ? 11 LYS A N   1 
ATOM   74  C CA  . LYS A 1 11 ? -4.690  -19.716 -2.747  1.00 58.82  ? 11 LYS A CA  1 
ATOM   75  C C   . LYS A 1 11 ? -3.878  -18.672 -3.471  1.00 58.70  ? 11 LYS A C   1 
ATOM   76  O O   . LYS A 1 11 ? -4.337  -18.137 -4.455  1.00 60.16  ? 11 LYS A O   1 
ATOM   77  C CB  . LYS A 1 11 ? -5.910  -18.987 -2.138  1.00 59.62  ? 11 LYS A CB  1 
ATOM   78  C CG  . LYS A 1 11 ? -6.166  -19.001 -0.629  1.00 66.04  ? 11 LYS A CG  1 
ATOM   79  C CD  . LYS A 1 11 ? -7.544  -18.301 -0.280  1.00 74.05  ? 11 LYS A CD  1 
ATOM   80  C CE  . LYS A 1 11 ? -8.796  -19.307 -0.262  1.00 77.94  ? 11 LYS A CE  1 
ATOM   81  N NZ  . LYS A 1 11 ? -10.098 -18.739 0.363   1.00 80.78  ? 11 LYS A NZ  1 
ATOM   82  N N   . CYS A 1 12 ? -2.685  -18.371 -2.979  1.00 58.37  ? 12 CYS A N   1 
ATOM   83  C CA  . CYS A 1 12 ? -1.887  -17.332 -3.616  1.00 57.73  ? 12 CYS A CA  1 
ATOM   84  C C   . CYS A 1 12 ? -2.646  -15.984 -3.471  1.00 59.20  ? 12 CYS A C   1 
ATOM   85  O O   . CYS A 1 12 ? -2.650  -15.110 -4.346  1.00 59.12  ? 12 CYS A O   1 
ATOM   86  C CB  . CYS A 1 12 ? -1.570  -17.665 -5.086  1.00 56.87  ? 12 CYS A CB  1 
ATOM   87  S SG  . CYS A 1 12 ? 0.118   -17.205 -5.673  1.00 54.29  ? 12 CYS A SG  1 
ATOM   88  N N   . GLU A 1 13 ? -3.291  -15.867 -2.318  1.00 60.27  ? 13 GLU A N   1 
ATOM   89  C CA  . GLU A 1 13 ? -3.942  -14.686 -1.820  1.00 60.94  ? 13 GLU A CA  1 
ATOM   90  C C   . GLU A 1 13 ? -3.458  -14.379 -0.382  1.00 59.10  ? 13 GLU A C   1 
ATOM   91  O O   . GLU A 1 13 ? -2.770  -15.193 0.229   1.00 57.53  ? 13 GLU A O   1 
ATOM   92  C CB  . GLU A 1 13 ? -5.422  -15.086 -1.769  1.00 62.90  ? 13 GLU A CB  1 
ATOM   93  C CG  . GLU A 1 13 ? -6.432  -14.083 -2.283  1.00 67.05  ? 13 GLU A CG  1 
ATOM   94  C CD  . GLU A 1 13 ? -7.357  -14.703 -3.320  1.00 73.16  ? 13 GLU A CD  1 
ATOM   95  O OE1 . GLU A 1 13 ? -8.000  -15.758 -3.020  1.00 74.93  ? 13 GLU A OE1 1 
ATOM   96  O OE2 . GLU A 1 13 ? -7.427  -14.147 -4.446  1.00 78.97  ? 13 GLU A OE2 1 
ATOM   97  N N   . PRO A 1 14 ? -3.748  -13.193 0.129   1.00 58.49  ? 14 PRO A N   1 
ATOM   98  C CA  . PRO A 1 14 ? -3.369  -12.874 1.501   1.00 59.50  ? 14 PRO A CA  1 
ATOM   99  C C   . PRO A 1 14 ? -4.151  -13.680 2.488   1.00 61.04  ? 14 PRO A C   1 
ATOM   100 O O   . PRO A 1 14 ? -5.299  -13.881 2.243   1.00 61.28  ? 14 PRO A O   1 
ATOM   101 C CB  . PRO A 1 14 ? -3.701  -11.382 1.607   1.00 59.36  ? 14 PRO A CB  1 
ATOM   102 C CG  . PRO A 1 14 ? -3.616  -10.899 0.215   1.00 57.53  ? 14 PRO A CG  1 
ATOM   103 C CD  . PRO A 1 14 ? -4.248  -12.001 -0.579  1.00 57.90  ? 14 PRO A CD  1 
ATOM   104 N N   . ARG A 1 15 ? -3.548  -14.174 3.582   1.00 64.48  ? 15 ARG A N   1 
ATOM   105 C CA  . ARG A 1 15 ? -4.351  -14.989 4.497   1.00 66.97  ? 15 ARG A CA  1 
ATOM   106 C C   . ARG A 1 15 ? -5.581  -14.213 4.932   1.00 67.04  ? 15 ARG A C   1 
ATOM   107 O O   . ARG A 1 15 ? -5.576  -13.019 5.161   1.00 67.30  ? 15 ARG A O   1 
ATOM   108 C CB  . ARG A 1 15 ? -3.554  -15.628 5.659   1.00 68.12  ? 15 ARG A CB  1 
ATOM   109 C CG  . ARG A 1 15 ? -2.552  -14.758 6.385   1.00 74.77  ? 15 ARG A CG  1 
ATOM   110 C CD  . ARG A 1 15 ? -1.899  -15.422 7.623   1.00 85.80  ? 15 ARG A CD  1 
ATOM   111 N NE  . ARG A 1 15 ? -2.539  -14.970 8.892   1.00 95.40  ? 15 ARG A NE  1 
ATOM   112 C CZ  . ARG A 1 15 ? -1.931  -14.586 10.035  1.00 101.33 ? 15 ARG A CZ  1 
ATOM   113 N NH1 . ARG A 1 15 ? -0.604  -14.605 10.145  1.00 102.62 ? 15 ARG A NH1 1 
ATOM   114 N NH2 . ARG A 1 15 ? -2.668  -14.187 11.067  1.00 103.19 ? 15 ARG A NH2 1 
ATOM   115 N N   . GLU A 1 16 ? -6.619  -15.005 5.001   1.00 67.63  ? 16 GLU A N   1 
ATOM   116 C CA  . GLU A 1 16 ? -7.991  -14.605 5.262   1.00 68.87  ? 16 GLU A CA  1 
ATOM   117 C C   . GLU A 1 16 ? -7.994  -13.727 6.504   1.00 67.48  ? 16 GLU A C   1 
ATOM   118 O O   . GLU A 1 16 ? -7.578  -14.127 7.587   1.00 65.72  ? 16 GLU A O   1 
ATOM   119 C CB  . GLU A 1 16 ? -8.887  -15.838 5.476   1.00 70.28  ? 16 GLU A CB  1 
ATOM   120 C CG  . GLU A 1 16 ? -10.172 -15.640 6.299   1.00 75.78  ? 16 GLU A CG  1 
ATOM   121 C CD  . GLU A 1 16 ? -11.478 -15.740 5.479   1.00 83.44  ? 16 GLU A CD  1 
ATOM   122 O OE1 . GLU A 1 16 ? -12.578 -15.564 6.065   1.00 88.95  ? 16 GLU A OE1 1 
ATOM   123 O OE2 . GLU A 1 16 ? -11.437 -16.005 4.254   1.00 89.20  ? 16 GLU A OE2 1 
ATOM   124 N N   . GLY A 1 17 ? -8.469  -12.505 6.302   1.00 66.44  ? 17 GLY A N   1 
ATOM   125 C CA  . GLY A 1 17 ? -8.493  -11.516 7.352   1.00 65.14  ? 17 GLY A CA  1 
ATOM   126 C C   . GLY A 1 17 ? -7.525  -10.361 7.073   1.00 63.21  ? 17 GLY A C   1 
ATOM   127 O O   . GLY A 1 17 ? -7.812  -9.241  7.509   1.00 64.50  ? 17 GLY A O   1 
ATOM   128 N N   . GLU A 1 18 ? -6.421  -10.629 6.388   1.00 59.52  ? 18 GLU A N   1 
ATOM   129 C CA  . GLU A 1 18 ? -5.499  -9.578  6.107   1.00 57.25  ? 18 GLU A CA  1 
ATOM   130 C C   . GLU A 1 18 ? -5.937  -8.919  4.781   1.00 54.05  ? 18 GLU A C   1 
ATOM   131 O O   . GLU A 1 18 ? -6.836  -9.445  4.110   1.00 53.08  ? 18 GLU A O   1 
ATOM   132 C CB  . GLU A 1 18 ? -4.095  -10.147 6.047   1.00 57.76  ? 18 GLU A CB  1 
ATOM   133 C CG  . GLU A 1 18 ? -3.819  -11.356 6.938   1.00 62.05  ? 18 GLU A CG  1 
ATOM   134 C CD  . GLU A 1 18 ? -3.424  -11.038 8.354   1.00 68.03  ? 18 GLU A CD  1 
ATOM   135 O OE1 . GLU A 1 18 ? -2.726  -10.061 8.537   1.00 72.35  ? 18 GLU A OE1 1 
ATOM   136 O OE2 . GLU A 1 18 ? -3.794  -11.784 9.284   1.00 74.87  ? 18 GLU A OE2 1 
ATOM   137 N N   . HIS A 1 19 ? -5.309  -7.793  4.408   1.00 50.39  ? 19 HIS A N   1 
ATOM   138 C CA  . HIS A 1 19 ? -5.677  -7.055  3.209   1.00 47.62  ? 19 HIS A CA  1 
ATOM   139 C C   . HIS A 1 19 ? -4.733  -7.149  2.061   1.00 45.25  ? 19 HIS A C   1 
ATOM   140 O O   . HIS A 1 19 ? -5.145  -7.121  0.902   1.00 45.41  ? 19 HIS A O   1 
ATOM   141 C CB  . HIS A 1 19 ? -5.750  -5.586  3.515   1.00 48.00  ? 19 HIS A CB  1 
ATOM   142 C CG  . HIS A 1 19 ? -6.708  -5.230  4.597   1.00 50.45  ? 19 HIS A CG  1 
ATOM   143 N ND1 . HIS A 1 19 ? -6.601  -4.057  5.314   1.00 52.66  ? 19 HIS A ND1 1 
ATOM   144 C CD2 . HIS A 1 19 ? -7.803  -5.871  5.071   1.00 50.81  ? 19 HIS A CD2 1 
ATOM   145 C CE1 . HIS A 1 19 ? -7.573  -4.011  6.207   1.00 53.54  ? 19 HIS A CE1 1 
ATOM   146 N NE2 . HIS A 1 19 ? -8.315  -5.100  6.080   1.00 51.94  ? 19 HIS A NE2 1 
ATOM   147 N N   . CYS A 1 20 ? -3.450  -7.184  2.357   1.00 42.45  ? 20 CYS A N   1 
ATOM   148 C CA  . CYS A 1 20 ? -2.449  -7.186  1.312   1.00 40.58  ? 20 CYS A CA  1 
ATOM   149 C C   . CYS A 1 20 ? -1.187  -7.954  1.686   1.00 40.00  ? 20 CYS A C   1 
ATOM   150 O O   . CYS A 1 20 ? -1.018  -8.413  2.777   1.00 37.76  ? 20 CYS A O   1 
ATOM   151 C CB  . CYS A 1 20 ? -2.072  -5.733  1.005   1.00 40.51  ? 20 CYS A CB  1 
ATOM   152 S SG  . CYS A 1 20 ? -1.840  -4.691  2.452   1.00 34.66  ? 20 CYS A SG  1 
ATOM   153 N N   . ILE A 1 21 ? -0.271  -8.058  0.731   1.00 40.85  ? 21 ILE A N   1 
ATOM   154 C CA  . ILE A 1 21 ? 1.044   -8.730  0.891   1.00 41.61  ? 21 ILE A CA  1 
ATOM   155 C C   . ILE A 1 21 ? 2.179   -7.693  1.188   1.00 41.64  ? 21 ILE A C   1 
ATOM   156 O O   . ILE A 1 21 ? 2.752   -7.762  2.265   1.00 43.14  ? 21 ILE A O   1 
ATOM   157 C CB  . ILE A 1 21 ? 1.397   -9.568  -0.377  1.00 42.15  ? 21 ILE A CB  1 
ATOM   158 C CG1 . ILE A 1 21 ? 0.262   -10.523 -0.728  1.00 41.09  ? 21 ILE A CG1 1 
ATOM   159 C CG2 . ILE A 1 21 ? 2.677   -10.323 -0.196  1.00 41.83  ? 21 ILE A CG2 1 
ATOM   160 C CD1 . ILE A 1 21 ? 0.031   -11.586 0.291   1.00 36.29  ? 21 ILE A CD1 1 
ATOM   161 N N   . SER A 1 22 ? 2.509   -6.762  0.271   1.00 40.52  ? 22 SER A N   1 
ATOM   162 C CA  . SER A 1 22 ? 3.551   -5.773  0.505   1.00 40.33  ? 22 SER A CA  1 
ATOM   163 C C   . SER A 1 22 ? 3.272   -4.529  -0.292  1.00 39.83  ? 22 SER A C   1 
ATOM   164 O O   . SER A 1 22 ? 2.495   -4.559  -1.210  1.00 42.64  ? 22 SER A O   1 
ATOM   165 C CB  . SER A 1 22 ? 4.840   -6.326  0.039   1.00 40.05  ? 22 SER A CB  1 
ATOM   166 O OG  . SER A 1 22 ? 4.789   -6.541  -1.342  1.00 42.62  ? 22 SER A OG  1 
ATOM   167 N N   . GLY A 1 23 ? 3.927   -3.434  0.030   1.00 38.06  ? 23 GLY A N   1 
ATOM   168 C CA  . GLY A 1 23 ? 3.713   -2.188  -0.695  1.00 35.81  ? 23 GLY A CA  1 
ATOM   169 C C   . GLY A 1 23 ? 3.908   -1.006  0.225   1.00 34.59  ? 23 GLY A C   1 
ATOM   170 O O   . GLY A 1 23 ? 3.799   -1.151  1.426   1.00 36.09  ? 23 GLY A O   1 
ATOM   171 N N   . PRO A 1 24 ? 4.171   0.163   -0.306  1.00 32.53  ? 24 PRO A N   1 
ATOM   172 C CA  . PRO A 1 24 ? 4.403   1.369   0.448   1.00 32.09  ? 24 PRO A CA  1 
ATOM   173 C C   . PRO A 1 24 ? 3.268   1.608   1.361   1.00 32.44  ? 24 PRO A C   1 
ATOM   174 O O   . PRO A 1 24 ? 3.470   2.139   2.463   1.00 33.91  ? 24 PRO A O   1 
ATOM   175 C CB  . PRO A 1 24 ? 4.385   2.450   -0.619  1.00 31.73  ? 24 PRO A CB  1 
ATOM   176 C CG  . PRO A 1 24 ? 4.826   1.837   -1.786  1.00 33.55  ? 24 PRO A CG  1 
ATOM   177 C CD  . PRO A 1 24 ? 4.215   0.450   -1.723  1.00 34.52  ? 24 PRO A CD  1 
ATOM   178 N N   . CYS A 1 25 ? 2.077   1.210   0.931   1.00 31.61  ? 25 CYS A N   1 
ATOM   179 C CA  . CYS A 1 25 ? 0.881   1.404   1.736   1.00 30.37  ? 25 CYS A CA  1 
ATOM   180 C C   . CYS A 1 25 ? 0.342   0.130   2.269   1.00 30.46  ? 25 CYS A C   1 
ATOM   181 O O   . CYS A 1 25 ? -0.832  0.050   2.501   1.00 30.46  ? 25 CYS A O   1 
ATOM   182 C CB  . CYS A 1 25 ? -0.193  2.100   0.936   1.00 30.24  ? 25 CYS A CB  1 
ATOM   183 S SG  . CYS A 1 25 ? 0.322   3.699   0.389   1.00 26.02  ? 25 CYS A SG  1 
ATOM   184 N N   . CYS A 1 26 ? 1.190   -0.868  2.444   1.00 31.49  ? 26 CYS A N   1 
ATOM   185 C CA  . CYS A 1 26 ? 0.774   -2.121  3.068   1.00 33.22  ? 26 CYS A CA  1 
ATOM   186 C C   . CYS A 1 26 ? 1.728   -2.314  4.214   1.00 35.63  ? 26 CYS A C   1 
ATOM   187 O O   . CYS A 1 26 ? 2.950   -2.158  4.041   1.00 37.67  ? 26 CYS A O   1 
ATOM   188 C CB  . CYS A 1 26 ? 0.824   -3.294  2.116   1.00 32.83  ? 26 CYS A CB  1 
ATOM   189 S SG  . CYS A 1 26 ? 0.080   -4.767  2.888   1.00 32.58  ? 26 CYS A SG  1 
ATOM   190 N N   . ARG A 1 27 ? 1.207   -2.596  5.392   1.00 37.86  ? 27 ARG A N   1 
ATOM   191 C CA  . ARG A 1 27 ? 2.035   -2.790  6.571   1.00 39.91  ? 27 ARG A CA  1 
ATOM   192 C C   . ARG A 1 27 ? 1.389   -3.815  7.497   1.00 40.24  ? 27 ARG A C   1 
ATOM   193 O O   . ARG A 1 27 ? 0.271   -3.644  7.934   1.00 39.71  ? 27 ARG A O   1 
ATOM   194 C CB  . ARG A 1 27 ? 2.233   -1.440  7.247   1.00 40.95  ? 27 ARG A CB  1 
ATOM   195 C CG  . ARG A 1 27 ? 2.331   -1.431  8.731   1.00 49.81  ? 27 ARG A CG  1 
ATOM   196 C CD  . ARG A 1 27 ? 2.589   -0.022  9.235   1.00 58.36  ? 27 ARG A CD  1 
ATOM   197 N NE  . ARG A 1 27 ? 3.781   0.521   8.583   1.00 65.75  ? 27 ARG A NE  1 
ATOM   198 C CZ  . ARG A 1 27 ? 4.715   1.223   9.199   1.00 73.31  ? 27 ARG A CZ  1 
ATOM   199 N NH1 . ARG A 1 27 ? 4.603   1.502   10.492  1.00 76.15  ? 27 ARG A NH1 1 
ATOM   200 N NH2 . ARG A 1 27 ? 5.781   1.650   8.515   1.00 76.59  ? 27 ARG A NH2 1 
ATOM   201 N N   . ASN A 1 28 ? 2.100   -4.907  7.732   1.00 41.22  ? 28 ASN A N   1 
ATOM   202 C CA  . ASN A 1 28 ? 1.624   -6.028  8.535   1.00 42.39  ? 28 ASN A CA  1 
ATOM   203 C C   . ASN A 1 28 ? 0.400   -6.590  7.945   1.00 41.08  ? 28 ASN A C   1 
ATOM   204 O O   . ASN A 1 28 ? -0.550  -6.807  8.576   1.00 41.24  ? 28 ASN A O   1 
ATOM   205 C CB  . ASN A 1 28 ? 1.422   -5.667  9.981   1.00 43.16  ? 28 ASN A CB  1 
ATOM   206 C CG  . ASN A 1 28 ? 2.740   -5.290  10.657  1.00 49.32  ? 28 ASN A CG  1 
ATOM   207 O OD1 . ASN A 1 28 ? 3.779   -5.896  10.378  1.00 54.18  ? 28 ASN A OD1 1 
ATOM   208 N ND2 . ASN A 1 28 ? 2.727   -4.243  11.505  1.00 57.89  ? 28 ASN A ND2 1 
ATOM   209 N N   . CYS A 1 29 ? 0.470   -6.797  6.669   1.00 41.53  ? 29 CYS A N   1 
ATOM   210 C CA  . CYS A 1 29 ? -0.600  -7.408  5.909   1.00 42.32  ? 29 CYS A CA  1 
ATOM   211 C C   . CYS A 1 29 ? -1.849  -6.551  5.716   1.00 42.48  ? 29 CYS A C   1 
ATOM   212 O O   . CYS A 1 29 ? -2.808  -6.982  5.072   1.00 44.04  ? 29 CYS A O   1 
ATOM   213 C CB  . CYS A 1 29 ? -0.970  -8.775  6.504   1.00 41.92  ? 29 CYS A CB  1 
ATOM   214 S SG  . CYS A 1 29 ? 0.459   -9.797  6.913   1.00 40.41  ? 29 CYS A SG  1 
ATOM   215 N N   . LYS A 1 30 ? -1.857  -5.342  6.261   1.00 42.73  ? 30 LYS A N   1 
ATOM   216 C CA  . LYS A 1 30 ? -3.073  -4.526  6.163   1.00 44.28  ? 30 LYS A CA  1 
ATOM   217 C C   . LYS A 1 30 ? -2.845  -3.167  5.494   1.00 43.83  ? 30 LYS A C   1 
ATOM   218 O O   . LYS A 1 30 ? -1.723  -2.687  5.421   1.00 45.45  ? 30 LYS A O   1 
ATOM   219 C CB  . LYS A 1 30 ? -3.706  -4.340  7.544   1.00 45.18  ? 30 LYS A CB  1 
ATOM   220 C CG  . LYS A 1 30 ? -3.647  -5.568  8.496   1.00 48.89  ? 30 LYS A CG  1 
ATOM   221 C CD  . LYS A 1 30 ? -4.899  -6.433  8.549   1.00 53.12  ? 30 LYS A CD  1 
ATOM   222 C CE  . LYS A 1 30 ? -5.117  -6.911  9.995   1.00 55.40  ? 30 LYS A CE  1 
ATOM   223 N NZ  . LYS A 1 30 ? -6.076  -8.118  10.136  1.00 57.24  ? 30 LYS A NZ  1 
ATOM   224 N N   . PHE A 1 31 ? -3.908  -2.573  4.970   1.00 42.74  ? 31 PHE A N   1 
ATOM   225 C CA  . PHE A 1 31 ? -3.816  -1.288  4.295   1.00 42.07  ? 31 PHE A CA  1 
ATOM   226 C C   . PHE A 1 31 ? -3.583  -0.109  5.276   1.00 42.16  ? 31 PHE A C   1 
ATOM   227 O O   . PHE A 1 31 ? -4.258  0.013   6.326   1.00 43.55  ? 31 PHE A O   1 
ATOM   228 C CB  . PHE A 1 31 ? -5.129  -1.025  3.550   1.00 41.79  ? 31 PHE A CB  1 
ATOM   229 C CG  . PHE A 1 31 ? -5.340  -1.845  2.344   1.00 38.91  ? 31 PHE A CG  1 
ATOM   230 C CD1 . PHE A 1 31 ? -4.336  -2.071  1.462   1.00 38.33  ? 31 PHE A CD1 1 
ATOM   231 C CD2 . PHE A 1 31 ? -6.588  -2.317  2.048   1.00 38.77  ? 31 PHE A CD2 1 
ATOM   232 C CE1 . PHE A 1 31 ? -4.558  -2.784  0.311   1.00 38.42  ? 31 PHE A CE1 1 
ATOM   233 C CE2 . PHE A 1 31 ? -6.826  -3.024  0.885   1.00 38.54  ? 31 PHE A CE2 1 
ATOM   234 C CZ  . PHE A 1 31 ? -5.813  -3.267  0.026   1.00 37.79  ? 31 PHE A CZ  1 
ATOM   235 N N   . LEU A 1 32 ? -2.674  0.788   4.934   1.00 40.93  ? 32 LEU A N   1 
ATOM   236 C CA  . LEU A 1 32 ? -2.470  1.958   5.761   1.00 40.43  ? 32 LEU A CA  1 
ATOM   237 C C   . LEU A 1 32 ? -3.670  2.820   5.550   1.00 40.37  ? 32 LEU A C   1 
ATOM   238 O O   . LEU A 1 32 ? -4.317  2.733   4.524   1.00 40.43  ? 32 LEU A O   1 
ATOM   239 C CB  . LEU A 1 32 ? -1.248  2.721   5.335   1.00 39.90  ? 32 LEU A CB  1 
ATOM   240 C CG  . LEU A 1 32 ? 0.064   2.094   5.769   1.00 41.00  ? 32 LEU A CG  1 
ATOM   241 C CD1 . LEU A 1 32 ? 1.186   3.061   5.514   1.00 43.41  ? 32 LEU A CD1 1 
ATOM   242 C CD2 . LEU A 1 32 ? 0.027   1.767   7.214   1.00 41.87  ? 32 LEU A CD2 1 
ATOM   243 N N   . ASN A 1 33 ? -3.975  3.658   6.519   1.00 40.94  ? 33 ASN A N   1 
ATOM   244 C CA  . ASN A 1 33 ? -5.121  4.561   6.430   1.00 41.24  ? 33 ASN A CA  1 
ATOM   245 C C   . ASN A 1 33 ? -5.041  5.531   5.259   1.00 38.75  ? 33 ASN A C   1 
ATOM   246 O O   . ASN A 1 33 ? -4.010  6.107   5.002   1.00 36.79  ? 33 ASN A O   1 
ATOM   247 C CB  . ASN A 1 33 ? -5.179  5.366   7.703   1.00 43.47  ? 33 ASN A CB  1 
ATOM   248 C CG  . ASN A 1 33 ? -6.582  6.019   7.962   1.00 51.60  ? 33 ASN A CG  1 
ATOM   249 O OD1 . ASN A 1 33 ? -7.304  6.332   6.984   1.00 62.07  ? 33 ASN A OD1 1 
ATOM   250 N ND2 . ASN A 1 33 ? -6.964  6.264   9.302   1.00 59.82  ? 33 ASN A ND2 1 
ATOM   251 N N   . ALA A 1 34 ? -6.143  5.689   4.537   1.00 37.61  ? 34 ALA A N   1 
ATOM   252 C CA  . ALA A 1 34 ? -6.203  6.569   3.382   1.00 36.50  ? 34 ALA A CA  1 
ATOM   253 C C   . ALA A 1 34 ? -5.826  7.894   3.796   1.00 36.10  ? 34 ALA A C   1 
ATOM   254 O O   . ALA A 1 34 ? -6.417  8.320   4.705   1.00 37.34  ? 34 ALA A O   1 
ATOM   255 C CB  . ALA A 1 34 ? -7.554  6.665   2.922   1.00 36.24  ? 34 ALA A CB  1 
ATOM   256 N N   . GLY A 1 35 ? -4.897  8.568   3.130   1.00 35.90  ? 35 GLY A N   1 
ATOM   257 C CA  . GLY A 1 35 ? -4.473  9.903   3.475   1.00 34.75  ? 35 GLY A CA  1 
ATOM   258 C C   . GLY A 1 35 ? -3.032  9.820   3.927   1.00 34.11  ? 35 GLY A C   1 
ATOM   259 O O   . GLY A 1 35 ? -2.332  10.807  3.900   1.00 33.27  ? 35 GLY A O   1 
ATOM   260 N N   . THR A 1 36 ? -2.571  8.636   4.329   1.00 33.53  ? 36 THR A N   1 
ATOM   261 C CA  . THR A 1 36 ? -1.220  8.504   4.820   1.00 33.07  ? 36 THR A CA  1 
ATOM   262 C C   . THR A 1 36 ? -0.320  8.809   3.709   1.00 33.15  ? 36 THR A C   1 
ATOM   263 O O   . THR A 1 36 ? -0.437  8.178   2.707   1.00 34.49  ? 36 THR A O   1 
ATOM   264 C CB  . THR A 1 36 ? -0.951  7.095   5.284   1.00 33.13  ? 36 THR A CB  1 
ATOM   265 O OG1 . THR A 1 36 ? -1.776  6.805   6.414   1.00 37.05  ? 36 THR A OG1 1 
ATOM   266 C CG2 . THR A 1 36 ? 0.494   6.974   5.766   1.00 34.05  ? 36 THR A CG2 1 
ATOM   267 N N   . ILE A 1 37 ? 0.624   9.735   3.886   1.00 33.27  ? 37 ILE A N   1 
ATOM   268 C CA  . ILE A 1 37 ? 1.607   10.109  2.848   1.00 32.62  ? 37 ILE A CA  1 
ATOM   269 C C   . ILE A 1 37 ? 2.605   8.966   2.551   1.00 31.07  ? 37 ILE A C   1 
ATOM   270 O O   . ILE A 1 37 ? 3.294   8.458   3.400   1.00 31.76  ? 37 ILE A O   1 
ATOM   271 C CB  . ILE A 1 37 ? 2.354   11.382  3.243   1.00 32.81  ? 37 ILE A CB  1 
ATOM   272 C CG1 . ILE A 1 37 ? 1.358   12.534  3.363   1.00 37.02  ? 37 ILE A CG1 1 
ATOM   273 C CG2 . ILE A 1 37 ? 3.371   11.722  2.215   1.00 32.77  ? 37 ILE A CG2 1 
ATOM   274 C CD1 . ILE A 1 37 ? 1.961   13.802  3.953   1.00 39.14  ? 37 ILE A CD1 1 
ATOM   275 N N   . CYS A 1 38 ? 2.669   8.570   1.321   1.00 31.41  ? 38 CYS A N   1 
ATOM   276 C CA  . CYS A 1 38 ? 3.586   7.518   0.999   1.00 32.20  ? 38 CYS A CA  1 
ATOM   277 C C   . CYS A 1 38 ? 4.821   8.055   0.278   1.00 34.60  ? 38 CYS A C   1 
ATOM   278 O O   . CYS A 1 38 ? 5.730   7.312   0.044   1.00 35.20  ? 38 CYS A O   1 
ATOM   279 C CB  . CYS A 1 38 ? 2.862   6.431   0.217   1.00 32.35  ? 38 CYS A CB  1 
ATOM   280 S SG  . CYS A 1 38 ? 1.891   7.041   -1.138  1.00 29.33  ? 38 CYS A SG  1 
ATOM   281 N N   . LYS A 1 39 ? 4.862   9.343   -0.052  1.00 37.62  ? 39 LYS A N   1 
ATOM   282 C CA  . LYS A 1 39 ? 5.981   9.954   -0.720  1.00 39.73  ? 39 LYS A CA  1 
ATOM   283 C C   . LYS A 1 39 ? 5.830   11.475  -0.774  1.00 40.73  ? 39 LYS A C   1 
ATOM   284 O O   . LYS A 1 39 ? 4.760   11.949  -1.115  1.00 41.43  ? 39 LYS A O   1 
ATOM   285 C CB  . LYS A 1 39 ? 5.969   9.448   -2.085  1.00 40.62  ? 39 LYS A CB  1 
ATOM   286 C CG  . LYS A 1 39 ? 7.263   9.713   -2.721  1.00 46.26  ? 39 LYS A CG  1 
ATOM   287 C CD  . LYS A 1 39 ? 7.207   9.585   -4.213  1.00 53.79  ? 39 LYS A CD  1 
ATOM   288 C CE  . LYS A 1 39 ? 8.430   10.256  -4.822  1.00 58.00  ? 39 LYS A CE  1 
ATOM   289 N NZ  . LYS A 1 39 ? 8.501   10.072  -6.309  1.00 66.90  ? 39 LYS A NZ  1 
ATOM   290 N N   . ARG A 1 40 ? 6.878   12.239  -0.451  1.00 42.27  ? 40 ARG A N   1 
ATOM   291 C CA  . ARG A 1 40 ? 6.773   13.681  -0.477  1.00 43.33  ? 40 ARG A CA  1 
ATOM   292 C C   . ARG A 1 40 ? 7.304   14.188  -1.779  1.00 44.94  ? 40 ARG A C   1 
ATOM   293 O O   . ARG A 1 40 ? 8.178   13.569  -2.357  1.00 43.42  ? 40 ARG A O   1 
ATOM   294 C CB  . ARG A 1 40 ? 7.493   14.311  0.679   1.00 43.20  ? 40 ARG A CB  1 
ATOM   295 C CG  . ARG A 1 40 ? 6.909   13.928  1.938   1.00 44.57  ? 40 ARG A CG  1 
ATOM   296 C CD  . ARG A 1 40 ? 7.009   14.968  3.040   1.00 46.56  ? 40 ARG A CD  1 
ATOM   297 N NE  . ARG A 1 40 ? 6.242   14.424  4.162   1.00 49.94  ? 40 ARG A NE  1 
ATOM   298 C CZ  . ARG A 1 40 ? 5.230   15.026  4.716   1.00 55.21  ? 40 ARG A CZ  1 
ATOM   299 N NH1 . ARG A 1 40 ? 4.878   16.249  4.320   1.00 57.51  ? 40 ARG A NH1 1 
ATOM   300 N NH2 . ARG A 1 40 ? 4.562   14.415  5.678   1.00 57.27  ? 40 ARG A NH2 1 
ATOM   301 N N   . ALA A 1 41 ? 6.750   15.311  -2.226  1.00 48.12  ? 41 ALA A N   1 
ATOM   302 C CA  . ALA A 1 41 ? 7.136   15.883  -3.495  1.00 50.83  ? 41 ALA A CA  1 
ATOM   303 C C   . ALA A 1 41 ? 8.242   16.880  -3.418  1.00 53.88  ? 41 ALA A C   1 
ATOM   304 O O   . ALA A 1 41 ? 8.311   17.643  -2.438  1.00 52.98  ? 41 ALA A O   1 
ATOM   305 C CB  . ALA A 1 41 ? 5.957   16.508  -4.145  1.00 51.12  ? 41 ALA A CB  1 
ATOM   306 N N   . MET A 1 42 ? 9.080   16.874  -4.478  1.00 58.10  ? 42 MET A N   1 
ATOM   307 C CA  . MET A 1 42 ? 10.195  17.816  -4.642  1.00 60.95  ? 42 MET A CA  1 
ATOM   308 C C   . MET A 1 42 ? 9.687   19.135  -4.116  1.00 62.87  ? 42 MET A C   1 
ATOM   309 O O   . MET A 1 42 ? 10.288  19.665  -3.188  1.00 63.72  ? 42 MET A O   1 
ATOM   310 C CB  . MET A 1 42 ? 10.600  17.947  -6.093  1.00 62.00  ? 42 MET A CB  1 
ATOM   311 C CG  . MET A 1 42 ? 11.236  16.694  -6.674  1.00 66.68  ? 42 MET A CG  1 
ATOM   312 S SD  . MET A 1 42 ? 12.654  16.136  -5.699  1.00 75.92  ? 42 MET A SD  1 
ATOM   313 C CE  . MET A 1 42 ? 13.420  17.685  -5.265  1.00 73.09  ? 42 MET A CE  1 
ATOM   314 N N   . LEU A 1 43 ? 8.578   19.662  -4.665  1.00 65.02  ? 43 LEU A N   1 
ATOM   315 C CA  . LEU A 1 43 ? 7.986   20.868  -4.070  1.00 67.40  ? 43 LEU A CA  1 
ATOM   316 C C   . LEU A 1 43 ? 6.805   21.586  -4.713  1.00 68.85  ? 43 LEU A C   1 
ATOM   317 O O   . LEU A 1 43 ? 6.961   22.407  -5.586  1.00 71.45  ? 43 LEU A O   1 
ATOM   318 C CB  . LEU A 1 43 ? 9.082   21.902  -3.738  1.00 68.01  ? 43 LEU A CB  1 
ATOM   319 C CG  . LEU A 1 43 ? 9.683   22.869  -4.792  1.00 70.56  ? 43 LEU A CG  1 
ATOM   320 C CD1 . LEU A 1 43 ? 10.132  22.117  -6.062  1.00 69.77  ? 43 LEU A CD1 1 
ATOM   321 C CD2 . LEU A 1 43 ? 8.739   24.087  -5.122  1.00 71.27  ? 43 LEU A CD2 1 
ATOM   322 N N   . ASP A 1 44 ? 5.606   21.330  -4.256  1.00 69.82  ? 44 ASP A N   1 
ATOM   323 C CA  . ASP A 1 44 ? 4.451   22.107  -4.727  1.00 70.45  ? 44 ASP A CA  1 
ATOM   324 C C   . ASP A 1 44 ? 3.452   21.838  -3.661  1.00 69.59  ? 44 ASP A C   1 
ATOM   325 O O   . ASP A 1 44 ? 2.459   22.573  -3.508  1.00 70.43  ? 44 ASP A O   1 
ATOM   326 C CB  . ASP A 1 44 ? 3.885   21.764  -6.133  1.00 71.25  ? 44 ASP A CB  1 
ATOM   327 C CG  . ASP A 1 44 ? 4.047   20.284  -6.537  1.00 74.33  ? 44 ASP A CG  1 
ATOM   328 O OD1 . ASP A 1 44 ? 3.730   19.345  -5.731  1.00 74.06  ? 44 ASP A OD1 1 
ATOM   329 O OD2 . ASP A 1 44 ? 4.467   20.011  -7.707  1.00 79.66  ? 44 ASP A OD2 1 
ATOM   330 N N   . GLY A 1 45 ? 3.754   20.786  -2.896  1.00 67.92  ? 45 GLY A N   1 
ATOM   331 C CA  . GLY A 1 45 ? 2.884   20.387  -1.820  1.00 66.48  ? 45 GLY A CA  1 
ATOM   332 C C   . GLY A 1 45 ? 1.875   19.385  -2.399  1.00 64.71  ? 45 GLY A C   1 
ATOM   333 O O   . GLY A 1 45 ? 0.803   19.119  -1.808  1.00 65.22  ? 45 GLY A O   1 
ATOM   334 N N   . LEU A 1 46 ? 2.196   18.836  -3.570  1.00 61.26  ? 46 LEU A N   1 
ATOM   335 C CA  . LEU A 1 46 ? 1.323   17.846  -4.133  1.00 58.92  ? 46 LEU A CA  1 
ATOM   336 C C   . LEU A 1 46 ? 1.932   16.492  -3.799  1.00 55.98  ? 46 LEU A C   1 
ATOM   337 O O   . LEU A 1 46 ? 2.606   15.904  -4.612  1.00 56.57  ? 46 LEU A O   1 
ATOM   338 C CB  . LEU A 1 46 ? 1.159   18.048  -5.640  1.00 59.32  ? 46 LEU A CB  1 
ATOM   339 C CG  . LEU A 1 46 ? 0.222   19.186  -6.117  1.00 61.57  ? 46 LEU A CG  1 
ATOM   340 C CD1 . LEU A 1 46 ? 0.253   19.307  -7.650  1.00 64.31  ? 46 LEU A CD1 1 
ATOM   341 C CD2 . LEU A 1 46 ? -1.207  18.949  -5.631  1.00 59.91  ? 46 LEU A CD2 1 
ATOM   342 N N   . HIS A 1 47 ? 1.712   15.989  -2.594  1.00 52.25  ? 47 HIS A N   1 
ATOM   343 C CA  . HIS A 1 47 ? 2.274   14.691  -2.223  1.00 49.47  ? 47 HIS A CA  1 
ATOM   344 C C   . HIS A 1 47 ? 1.425   13.543  -2.664  1.00 45.25  ? 47 HIS A C   1 
ATOM   345 O O   . HIS A 1 47 ? 0.246   13.714  -2.910  1.00 42.85  ? 47 HIS A O   1 
ATOM   346 C CB  . HIS A 1 47 ? 2.411   14.527  -0.705  1.00 50.69  ? 47 HIS A CB  1 
ATOM   347 C CG  . HIS A 1 47 ? 3.064   15.670  -0.023  1.00 52.43  ? 47 HIS A CG  1 
ATOM   348 N ND1 . HIS A 1 47 ? 4.184   16.290  -0.528  1.00 53.29  ? 47 HIS A ND1 1 
ATOM   349 C CD2 . HIS A 1 47 ? 2.765   16.289  1.141   1.00 54.65  ? 47 HIS A CD2 1 
ATOM   350 C CE1 . HIS A 1 47 ? 4.539   17.261  0.299   1.00 58.18  ? 47 HIS A CE1 1 
ATOM   351 N NE2 . HIS A 1 47 ? 3.695   17.279  1.316   1.00 58.33  ? 47 HIS A NE2 1 
ATOM   352 N N   . ASP A 1 48 ? 2.063   12.376  -2.731  1.00 41.38  ? 48 ASP A N   1 
ATOM   353 C CA  . ASP A 1 48 ? 1.418   11.127  -3.068  1.00 39.62  ? 48 ASP A CA  1 
ATOM   354 C C   . ASP A 1 48 ? 0.962   10.479  -1.746  1.00 37.63  ? 48 ASP A C   1 
ATOM   355 O O   . ASP A 1 48 ? 1.789   10.177  -0.894  1.00 38.07  ? 48 ASP A O   1 
ATOM   356 C CB  . ASP A 1 48 ? 2.389   10.208  -3.767  1.00 39.59  ? 48 ASP A CB  1 
ATOM   357 C CG  . ASP A 1 48 ? 2.901   10.774  -5.062  1.00 40.05  ? 48 ASP A CG  1 
ATOM   358 O OD1 . ASP A 1 48 ? 2.383   11.804  -5.516  1.00 40.92  ? 48 ASP A OD1 1 
ATOM   359 O OD2 . ASP A 1 48 ? 3.835   10.213  -5.686  1.00 45.09  ? 48 ASP A OD2 1 
ATOM   360 N N   . TYR A 1 49 ? -0.353  10.299  -1.595  1.00 35.16  ? 49 TYR A N   1 
ATOM   361 C CA  . TYR A 1 49 ? -1.004  9.738   -0.406  1.00 32.57  ? 49 TYR A CA  1 
ATOM   362 C C   . TYR A 1 49 ? -1.510  8.337   -0.596  1.00 32.21  ? 49 TYR A C   1 
ATOM   363 O O   . TYR A 1 49 ? -1.814  7.997   -1.667  1.00 35.07  ? 49 TYR A O   1 
ATOM   364 C CB  . TYR A 1 49 ? -2.244  10.561  -0.139  1.00 31.94  ? 49 TYR A CB  1 
ATOM   365 C CG  . TYR A 1 49 ? -1.926  11.940  0.107   1.00 30.92  ? 49 TYR A CG  1 
ATOM   366 C CD1 . TYR A 1 49 ? -1.529  12.319  1.344   1.00 33.79  ? 49 TYR A CD1 1 
ATOM   367 C CD2 . TYR A 1 49 ? -2.024  12.886  -0.860  1.00 29.83  ? 49 TYR A CD2 1 
ATOM   368 C CE1 . TYR A 1 49 ? -1.233  13.640  1.631   1.00 32.63  ? 49 TYR A CE1 1 
ATOM   369 C CE2 . TYR A 1 49 ? -1.719  14.194  -0.595  1.00 31.93  ? 49 TYR A CE2 1 
ATOM   370 C CZ  . TYR A 1 49 ? -1.337  14.551  0.647   1.00 32.84  ? 49 TYR A CZ  1 
ATOM   371 O OH  . TYR A 1 49 ? -1.048  15.837  0.874   1.00 38.21  ? 49 TYR A OH  1 
ATOM   372 N N   . CYS A 1 50 ? -1.657  7.548   0.454   1.00 30.93  ? 50 CYS A N   1 
ATOM   373 C CA  . CYS A 1 50 ? -2.190  6.226   0.360   1.00 30.55  ? 50 CYS A CA  1 
ATOM   374 C C   . CYS A 1 50 ? -3.714  6.307   0.117   1.00 31.60  ? 50 CYS A C   1 
ATOM   375 O O   . CYS A 1 50 ? -4.342  7.284   0.360   1.00 32.23  ? 50 CYS A O   1 
ATOM   376 C CB  . CYS A 1 50 ? -1.883  5.404   1.617   1.00 30.27  ? 50 CYS A CB  1 
ATOM   377 S SG  . CYS A 1 50 ? -0.134  4.917   1.842   1.00 28.45  ? 50 CYS A SG  1 
ATOM   378 N N   . THR A 1 51 ? -4.328  5.275   -0.438  1.00 32.95  ? 51 THR A N   1 
ATOM   379 C CA  . THR A 1 51 ? -5.763  5.330   -0.753  1.00 32.82  ? 51 THR A CA  1 
ATOM   380 C C   . THR A 1 51 ? -6.668  4.666   0.254   1.00 32.41  ? 51 THR A C   1 
ATOM   381 O O   . THR A 1 51 ? -7.860  4.955   0.309   1.00 33.11  ? 51 THR A O   1 
ATOM   382 C CB  . THR A 1 51 ? -6.052  4.618   -2.093  1.00 33.48  ? 51 THR A CB  1 
ATOM   383 O OG1 . THR A 1 51 ? -5.911  3.192   -1.939  1.00 29.78  ? 51 THR A OG1 1 
ATOM   384 C CG2 . THR A 1 51 ? -5.045  5.000   -3.148  1.00 38.27  ? 51 THR A CG2 1 
ATOM   385 N N   . GLY A 1 52 ? -6.121  3.721   0.998   1.00 32.25  ? 52 GLY A N   1 
ATOM   386 C CA  . GLY A 1 52 ? -6.882  2.991   1.951   1.00 32.14  ? 52 GLY A CA  1 
ATOM   387 C C   . GLY A 1 52 ? -7.422  1.733   1.293   1.00 32.65  ? 52 GLY A C   1 
ATOM   388 O O   . GLY A 1 52 ? -7.731  0.765   1.907   1.00 33.55  ? 52 GLY A O   1 
ATOM   389 N N   . VAL A 1 53 ? -7.479  1.695   -0.001  1.00 33.48  ? 53 VAL A N   1 
ATOM   390 C CA  . VAL A 1 53 ? -7.989  0.517   -0.647  1.00 34.26  ? 53 VAL A CA  1 
ATOM   391 C C   . VAL A 1 53 ? -6.940  -0.269  -1.456  1.00 34.71  ? 53 VAL A C   1 
ATOM   392 O O   . VAL A 1 53 ? -7.248  -1.375  -1.904  1.00 37.03  ? 53 VAL A O   1 
ATOM   393 C CB  . VAL A 1 53 ? -9.158  0.858   -1.596  1.00 34.83  ? 53 VAL A CB  1 
ATOM   394 C CG1 . VAL A 1 53 ? -10.232 1.489   -0.854  1.00 34.15  ? 53 VAL A CG1 1 
ATOM   395 C CG2 . VAL A 1 53 ? -8.702  1.747   -2.752  1.00 35.49  ? 53 VAL A CG2 1 
ATOM   396 N N   . THR A 1 54 ? -5.732  0.261   -1.649  1.00 33.40  ? 54 THR A N   1 
ATOM   397 C CA  . THR A 1 54 ? -4.718  -0.447  -2.393  1.00 33.10  ? 54 THR A CA  1 
ATOM   398 C C   . THR A 1 54 ? -3.363  -0.422  -1.724  1.00 33.47  ? 54 THR A C   1 
ATOM   399 O O   . THR A 1 54 ? -3.108  0.424   -0.880  1.00 34.87  ? 54 THR A O   1 
ATOM   400 C CB  . THR A 1 54 ? -4.594  0.195   -3.694  1.00 33.17  ? 54 THR A CB  1 
ATOM   401 O OG1 . THR A 1 54 ? -4.144  1.543   -3.529  1.00 37.15  ? 54 THR A OG1 1 
ATOM   402 C CG2 . THR A 1 54 ? -5.920  0.284   -4.381  1.00 32.45  ? 54 THR A CG2 1 
ATOM   403 N N   . SER A 1 55 ? -2.504  -1.340  -2.106  1.00 34.16  ? 55 SER A N   1 
ATOM   404 C CA  . SER A 1 55 ? -1.172  -1.468  -1.537  1.00 35.39  ? 55 SER A CA  1 
ATOM   405 C C   . SER A 1 55 ? -0.160  -0.465  -2.106  1.00 34.77  ? 55 SER A C   1 
ATOM   406 O O   . SER A 1 55 ? 0.757   -0.037  -1.447  1.00 35.54  ? 55 SER A O   1 
ATOM   407 C CB  . SER A 1 55 ? -0.693  -2.887  -1.790  1.00 35.56  ? 55 SER A CB  1 
ATOM   408 O OG  . SER A 1 55 ? -1.393  -3.397  -2.919  1.00 40.88  ? 55 SER A OG  1 
ATOM   409 N N   . ASP A 1 56 ? -0.333  -0.078  -3.327  1.00 34.72  ? 56 ASP A N   1 
ATOM   410 C CA  . ASP A 1 56 ? 0.588   0.838   -3.956  1.00 35.61  ? 56 ASP A CA  1 
ATOM   411 C C   . ASP A 1 56 ? 0.543   2.325   -3.553  1.00 35.12  ? 56 ASP A C   1 
ATOM   412 O O   . ASP A 1 56 ? -0.313  2.712   -2.752  1.00 36.25  ? 56 ASP A O   1 
ATOM   413 C CB  . ASP A 1 56 ? 0.363   0.726   -5.453  1.00 36.79  ? 56 ASP A CB  1 
ATOM   414 C CG  . ASP A 1 56 ? -0.938  1.358   -5.916  1.00 39.20  ? 56 ASP A CG  1 
ATOM   415 O OD1 . ASP A 1 56 ? -0.852  2.083   -6.942  1.00 47.54  ? 56 ASP A OD1 1 
ATOM   416 O OD2 . ASP A 1 56 ? -2.052  1.158   -5.355  1.00 42.06  ? 56 ASP A OD2 1 
ATOM   417 N N   . CYS A 1 57 ? 1.485   3.139   -4.093  1.00 34.03  ? 57 CYS A N   1 
ATOM   418 C CA  . CYS A 1 57 ? 1.561   4.600   -3.839  1.00 32.40  ? 57 CYS A CA  1 
ATOM   419 C C   . CYS A 1 57 ? 1.260   5.372   -5.140  1.00 33.08  ? 57 CYS A C   1 
ATOM   420 O O   . CYS A 1 57 ? 2.005   5.392   -6.116  1.00 34.94  ? 57 CYS A O   1 
ATOM   421 C CB  . CYS A 1 57 ? 2.909   5.022   -3.251  1.00 32.65  ? 57 CYS A CB  1 
ATOM   422 S SG  . CYS A 1 57 ? 3.012   6.756   -2.725  1.00 32.39  ? 57 CYS A SG  1 
ATOM   423 N N   . PRO A 1 58 ? 0.056   5.900   -5.135  1.00 34.83  ? 58 PRO A N   1 
ATOM   424 C CA  . PRO A 1 58 ? -0.592  6.625   -6.230  1.00 37.11  ? 58 PRO A CA  1 
ATOM   425 C C   . PRO A 1 58 ? 0.010   7.940   -6.632  1.00 41.55  ? 58 PRO A C   1 
ATOM   426 O O   . PRO A 1 58 ? 0.308   8.758   -5.767  1.00 42.88  ? 58 PRO A O   1 
ATOM   427 C CB  . PRO A 1 58 ? -2.030  6.737   -5.776  1.00 36.55  ? 58 PRO A CB  1 
ATOM   428 C CG  . PRO A 1 58 ? -2.277  5.422   -5.148  1.00 35.50  ? 58 PRO A CG  1 
ATOM   429 C CD  . PRO A 1 58 ? -0.973  4.863   -4.729  1.00 35.79  ? 58 PRO A CD  1 
ATOM   430 N N   . ARG A 1 59 ? 0.201   8.161   -7.909  1.00 46.72  ? 59 ARG A N   1 
ATOM   431 C CA  . ARG A 1 59 ? 0.691   9.472   -8.298  1.00 51.28  ? 59 ARG A CA  1 
ATOM   432 C C   . ARG A 1 59 ? -0.472  10.438  -8.092  1.00 51.99  ? 59 ARG A C   1 
ATOM   433 O O   . ARG A 1 59 ? -1.544  10.219  -8.629  1.00 52.29  ? 59 ARG A O   1 
ATOM   434 C CB  . ARG A 1 59 ? 1.160   9.476   -9.751  1.00 53.33  ? 59 ARG A CB  1 
ATOM   435 C CG  . ARG A 1 59 ? 1.267   10.873  -10.350 1.00 61.39  ? 59 ARG A CG  1 
ATOM   436 C CD  . ARG A 1 59 ? 1.975   10.839  -11.682 1.00 71.69  ? 59 ARG A CD  1 
ATOM   437 N NE  . ARG A 1 59 ? 3.357   11.319  -11.573 1.00 78.00  ? 59 ARG A NE  1 
ATOM   438 C CZ  . ARG A 1 59 ? 3.758   12.505  -12.018 1.00 84.78  ? 59 ARG A CZ  1 
ATOM   439 N NH1 . ARG A 1 59 ? 2.892   13.314  -12.613 1.00 88.28  ? 59 ARG A NH1 1 
ATOM   440 N NH2 . ARG A 1 59 ? 5.026   12.875  -11.870 1.00 86.52  ? 59 ARG A NH2 1 
ATOM   441 N N   . ASN A 1 60 ? -0.274  11.494  -7.317  1.00 52.89  ? 60 ASN A N   1 
ATOM   442 C CA  . ASN A 1 60 ? -1.351  12.440  -7.071  1.00 54.00  ? 60 ASN A CA  1 
ATOM   443 C C   . ASN A 1 60 ? -1.948  12.911  -8.390  1.00 55.45  ? 60 ASN A C   1 
ATOM   444 O O   . ASN A 1 60 ? -1.224  13.374  -9.246  1.00 55.82  ? 60 ASN A O   1 
ATOM   445 C CB  . ASN A 1 60 ? -0.815  13.618  -6.287  1.00 53.92  ? 60 ASN A CB  1 
ATOM   446 C CG  . ASN A 1 60 ? -1.885  14.476  -5.751  1.00 53.20  ? 60 ASN A CG  1 
ATOM   447 O OD1 . ASN A 1 60 ? -2.839  14.801  -6.440  1.00 56.60  ? 60 ASN A OD1 1 
ATOM   448 N ND2 . ASN A 1 60 ? -1.756  14.835  -4.517  1.00 52.00  ? 60 ASN A ND2 1 
ATOM   449 N N   . ARG A 1 61 ? -3.263  12.811  -8.550  1.00 57.84  ? 61 ARG A N   1 
ATOM   450 C CA  . ARG A 1 61 ? -3.916  13.156  -9.819  1.00 60.37  ? 61 ARG A CA  1 
ATOM   451 C C   . ARG A 1 61 ? -3.783  14.629  -10.229 1.00 62.46  ? 61 ARG A C   1 
ATOM   452 O O   . ARG A 1 61 ? -4.027  14.965  -11.393 1.00 61.97  ? 61 ARG A O   1 
ATOM   453 C CB  . ARG A 1 61 ? -5.397  12.724  -9.830  1.00 60.55  ? 61 ARG A CB  1 
ATOM   454 C CG  . ARG A 1 61 ? -5.653  11.248  -9.493  1.00 62.22  ? 61 ARG A CG  1 
ATOM   455 C CD  . ARG A 1 61 ? -5.250  10.230  -10.535 1.00 63.59  ? 61 ARG A CD  1 
ATOM   456 N NE  . ARG A 1 61 ? -4.204  9.329   -10.048 1.00 68.12  ? 61 ARG A NE  1 
ATOM   457 C CZ  . ARG A 1 61 ? -4.193  7.996   -10.196 1.00 72.33  ? 61 ARG A CZ  1 
ATOM   458 N NH1 . ARG A 1 61 ? -5.191  7.395   -10.814 1.00 74.46  ? 61 ARG A NH1 1 
ATOM   459 N NH2 . ARG A 1 61 ? -3.182  7.257   -9.721  1.00 73.50  ? 61 ARG A NH2 1 
ATOM   460 N N   . TYR A 1 62 ? -3.405  15.505  -9.309  1.00 65.37  ? 62 TYR A N   1 
ATOM   461 C CA  . TYR A 1 62 ? -3.274  16.907  -9.682  1.00 68.47  ? 62 TYR A CA  1 
ATOM   462 C C   . TYR A 1 62 ? -1.912  17.190  -10.429 1.00 72.30  ? 62 TYR A C   1 
ATOM   463 O O   . TYR A 1 62 ? -1.547  18.332  -10.628 1.00 73.37  ? 62 TYR A O   1 
ATOM   464 C CB  . TYR A 1 62 ? -3.485  17.788  -8.437  1.00 67.79  ? 62 TYR A CB  1 
ATOM   465 C CG  . TYR A 1 62 ? -4.930  17.893  -7.906  1.00 66.96  ? 62 TYR A CG  1 
ATOM   466 C CD1 . TYR A 1 62 ? -5.848  18.817  -8.440  1.00 69.49  ? 62 TYR A CD1 1 
ATOM   467 C CD2 . TYR A 1 62 ? -5.362  17.112  -6.849  1.00 67.98  ? 62 TYR A CD2 1 
ATOM   468 C CE1 . TYR A 1 62 ? -7.132  18.937  -7.961  1.00 69.64  ? 62 TYR A CE1 1 
ATOM   469 C CE2 . TYR A 1 62 ? -6.670  17.218  -6.368  1.00 69.53  ? 62 TYR A CE2 1 
ATOM   470 C CZ  . TYR A 1 62 ? -7.538  18.138  -6.927  1.00 69.83  ? 62 TYR A CZ  1 
ATOM   471 O OH  . TYR A 1 62 ? -8.830  18.245  -6.436  1.00 70.87  ? 62 TYR A OH  1 
ATOM   472 N N   . ASN A 1 63 ? -1.173  16.143  -10.823 1.00 76.39  ? 63 ASN A N   1 
ATOM   473 C CA  . ASN A 1 63 ? 0.098   16.250  -11.571 1.00 79.81  ? 63 ASN A CA  1 
ATOM   474 C C   . ASN A 1 63 ? -0.190  16.011  -13.083 1.00 82.45  ? 63 ASN A C   1 
ATOM   475 O O   . ASN A 1 63 ? -1.108  15.244  -13.390 1.00 82.90  ? 63 ASN A O   1 
ATOM   476 C CB  . ASN A 1 63 ? 1.110   15.207  -11.029 1.00 80.33  ? 63 ASN A CB  1 
ATOM   477 C CG  . ASN A 1 63 ? 1.829   15.664  -9.745  1.00 82.21  ? 63 ASN A CG  1 
ATOM   478 O OD1 . ASN A 1 63 ? 1.910   16.858  -9.479  1.00 85.70  ? 63 ASN A OD1 1 
ATOM   479 N ND2 . ASN A 1 63 ? 2.381   14.709  -8.966  1.00 81.38  ? 63 ASN A ND2 1 
ATOM   480 N N   . HIS A 1 64 ? 0.548   16.632  -14.025 1.00 85.21  ? 64 HIS A N   1 
ATOM   481 C CA  . HIS A 1 64 ? 0.212   16.463  -15.473 1.00 87.30  ? 64 HIS A CA  1 
ATOM   482 C C   . HIS A 1 64 ? 0.222   15.009  -15.914 1.00 88.78  ? 64 HIS A C   1 
ATOM   483 O O   . HIS A 1 64 ? -0.588  14.500  -16.755 1.00 94.70  ? 64 HIS A O   1 
ATOM   484 C CB  . HIS A 1 64 ? 1.198   17.048  -16.479 1.00 87.51  ? 64 HIS A CB  1 
ATOM   485 C CG  . HIS A 1 64 ? 1.882   18.284  -16.052 1.00 90.92  ? 64 HIS A CG  1 
ATOM   486 N ND1 . HIS A 1 64 ? 1.443   19.540  -16.415 1.00 94.78  ? 64 HIS A ND1 1 
ATOM   487 C CD2 . HIS A 1 64 ? 3.057   18.464  -15.407 1.00 94.35  ? 64 HIS A CD2 1 
ATOM   488 C CE1 . HIS A 1 64 ? 2.285   20.449  -15.944 1.00 96.45  ? 64 HIS A CE1 1 
ATOM   489 N NE2 . HIS A 1 64 ? 3.284   19.819  -15.344 1.00 97.30  ? 64 HIS A NE2 1 
ATOM   490 O OXT . HIS A 1 64 ? 1.271   14.394  -15.660 1.00 85.61  ? 64 HIS A OXT 1 
HETATM 491 O O   . HOH B 2 .  ? 5.004   -5.104  6.363   1.00 72.60  ? 65 HOH A O   1 
HETATM 492 O O   . HOH B 2 .  ? 4.643   -8.807  8.674   1.00 72.79  ? 66 HOH A O   1 
HETATM 493 O O   . HOH B 2 .  ? -9.927  -14.427 -1.342  1.00 90.14  ? 67 HOH A O   1 
HETATM 494 O O   . HOH B 2 .  ? -3.883  2.183   1.829   1.00 49.19  ? 68 HOH A O   1 
HETATM 495 O O   . HOH B 2 .  ? 1.192   11.012  7.063   1.00 71.09  ? 69 HOH A O   1 
HETATM 496 O O   . HOH B 2 .  ? 7.675   15.449  -7.138  1.00 90.29  ? 70 HOH A O   1 
HETATM 497 O O   . HOH B 2 .  ? -1.553  -1.404  -7.505  1.00 64.78  ? 71 HOH A O   1 
HETATM 498 O O   . HOH B 2 .  ? -0.935  5.440   -10.406 1.00 76.09  ? 72 HOH A O   1 
# 
